data_2ATQ
#
_entry.id   2ATQ
#
_cell.length_a   196.029
_cell.length_b   196.029
_cell.length_c   85.170
_cell.angle_alpha   90.00
_cell.angle_beta   90.00
_cell.angle_gamma   120.00
#
_symmetry.space_group_name_H-M   'P 65'
#
loop_
_entity.id
_entity.type
_entity.pdbx_description
1 polymer 'DNA polymerase'
2 polymer gp32
3 non-polymer "GUANOSINE-5'-DIPHOSPHATE"
4 non-polymer 'ZINC ION'
#
loop_
_entity_poly.entity_id
_entity_poly.type
_entity_poly.pdbx_seq_one_letter_code
_entity_poly.pdbx_strand_id
1 'polypeptide(L)'
;MKEFYLTVEQIGDSIFERYIDSNGRERTREVEYKPSLFAHCPESQATKYFDIYGKPCTRKLFANMRDASQWIKRMEDIGL
EALGMDDFKLAYLSDTYNYEIKYDHTKIRVANFDIEVTSPDGFPEPSQAKHPIDAITHYDSIDDRFYVFDLLNSPYGNVE
EWSIEIAAKLQEQGGDEVPSEIIDKIIYMPFDNEKELLMEYLNFWQQKTPVILTGWNVESFAIPYVYNRIKNIFGESTAK
RLSPHRKTRVKVIENMYGSREIITLFGISVLDYIDLYKKFSFTNQPSYSLDYISEFELNVGKLKYDGPISKLRESNHQRY
ISYNIIAVYRVLQIDAKRQFINLSLDMGYYAKIQIQSVFSPIKTWDAIIFNSLKEQNKVIPQGRSHPVQPYPGAFVKEPI
PNRYKYVMSFDLTSLYPSIIRQVNISPETIAGTFKVAPLHDYINAVAERPSDVYSCSPNGMMYYKDRDGVVPTEITKVFN
QRKEHKGYMLAAQRNGEIIKEALHNPNLSVDEPLDVDYRFDFSDEIKEKIKKLSAKSLNEMLFRAQRTEVAGMTAQINRK
LLINSLYGALGNVWFRYYDLRNATAITTFGQMALQWIERKVNEYLNEVCGTEGEAFVLYGDTDSIYVSADKIIDKVGESK
FRDTNHWVDFLDKFARERMEPAIDRGFREMCEYMNNKQHLMFMDREAIAGPPLGSKGIGGFWTGKKRYALNVWDMEGTRY
AEPKLKIMGLETQKSSTPKAVQKALKECIRRMLQEGEESLQEYFKEFEKEFRQLNYISIASVSSANNIAKYDVGGFPGPK
CPFHIRGILTYNRAIKGNIDAPQVVEGEKVYVLPLREGNPFGDKCIAWPSGTEITDLIKDDVLHWMDYTVLLEKTFIKPL
EGFTSAAKLDYEKKASLFDMFDF
;
A
2 'polypeptide(L)'
;MKGFSSEDKGEWKLKLDASGNGQAVIRFLPAKTDDALPFAILVNHGFKKNGKWYIETCSSTHGDYDSCPVCQYISKNDLY
NTNKTEYSQLKRKTSYWANILVVKDPQAPDNEGKVFKYRFGKKIWDKINAMIAVDTEMGETPVDVTCPWEGANFVLKVKQ
VSGFSNYDESKFLNQSAIPNIDDESFQKELFEQMVDLSEMTSKDKFKSFEELNTKFNQVLGTAALGGAAAAAAS
;
B
#
loop_
_chem_comp.id
_chem_comp.type
_chem_comp.name
_chem_comp.formula
GDP RNA linking GUANOSINE-5'-DIPHOSPHATE 'C10 H15 N5 O11 P2'
ZN non-polymer 'ZINC ION' 'Zn 2'
#
# COMPACT_ATOMS: atom_id res chain seq x y z
N MET A 1 5.85 7.47 20.49
CA MET A 1 7.07 6.82 21.03
C MET A 1 7.71 5.84 20.03
N LYS A 2 7.25 4.58 20.03
CA LYS A 2 7.82 3.55 19.14
C LYS A 2 8.50 4.16 17.93
N GLU A 3 9.77 3.77 17.73
CA GLU A 3 10.57 4.30 16.62
C GLU A 3 10.28 3.66 15.28
N PHE A 4 10.90 4.15 14.23
CA PHE A 4 10.68 3.61 12.90
C PHE A 4 11.78 4.05 11.94
N TYR A 5 12.14 3.17 11.01
CA TYR A 5 13.21 3.47 10.07
C TYR A 5 12.88 4.58 9.08
N LEU A 6 13.91 4.99 8.35
CA LEU A 6 13.79 6.05 7.35
C LEU A 6 14.30 5.44 6.05
N THR A 7 15.53 4.95 6.09
CA THR A 7 16.11 4.28 4.94
C THR A 7 17.00 3.20 5.51
N VAL A 8 17.35 2.22 4.69
CA VAL A 8 18.21 1.14 5.16
C VAL A 8 18.98 0.67 3.95
N GLU A 9 20.26 0.35 4.13
CA GLU A 9 21.08 -0.11 3.03
C GLU A 9 21.93 -1.29 3.50
N GLN A 10 22.60 -1.97 2.57
CA GLN A 10 23.45 -3.06 2.96
C GLN A 10 24.88 -2.83 2.47
N ILE A 11 25.44 -1.66 2.77
CA ILE A 11 26.81 -1.36 2.37
C ILE A 11 27.71 -2.32 3.07
N GLY A 12 28.38 -3.18 2.32
CA GLY A 12 29.30 -4.11 2.96
C GLY A 12 28.71 -5.23 3.79
N ASP A 13 29.24 -5.42 5.00
CA ASP A 13 28.74 -6.48 5.83
C ASP A 13 27.80 -6.07 6.95
N SER A 14 27.29 -4.86 6.87
CA SER A 14 26.38 -4.40 7.89
C SER A 14 25.34 -3.43 7.36
N ILE A 15 24.16 -3.49 7.97
CA ILE A 15 23.05 -2.64 7.61
C ILE A 15 23.32 -1.22 8.06
N PHE A 16 22.90 -0.26 7.25
CA PHE A 16 23.07 1.15 7.57
C PHE A 16 21.70 1.79 7.65
N GLU A 17 21.03 1.58 8.79
CA GLU A 17 19.73 2.15 8.99
C GLU A 17 19.82 3.66 9.08
N ARG A 18 18.71 4.29 9.38
CA ARG A 18 18.58 5.72 9.46
C ARG A 18 17.13 6.01 9.84
N TYR A 19 16.95 6.38 11.12
CA TYR A 19 15.59 6.47 11.64
C TYR A 19 15.29 7.64 12.56
N ILE A 20 14.05 7.63 13.05
CA ILE A 20 13.54 8.57 14.02
C ILE A 20 13.60 7.79 15.32
N ASP A 21 14.23 8.29 16.38
CA ASP A 21 14.32 7.50 17.62
C ASP A 21 13.10 7.59 18.53
N SER A 22 13.32 7.26 19.81
CA SER A 22 12.24 7.28 20.80
C SER A 22 11.83 8.71 21.12
N ASN A 23 12.80 9.60 21.18
CA ASN A 23 12.48 10.98 21.48
C ASN A 23 12.02 11.66 20.19
N GLY A 24 12.07 10.91 19.09
CA GLY A 24 11.64 11.46 17.83
C GLY A 24 12.75 12.25 17.14
N ARG A 25 13.97 11.80 17.31
CA ARG A 25 15.09 12.47 16.69
C ARG A 25 15.72 11.57 15.62
N GLU A 26 16.13 12.17 14.51
CA GLU A 26 16.75 11.41 13.42
C GLU A 26 18.10 10.87 13.87
N ARG A 27 18.44 9.65 13.42
CA ARG A 27 19.72 9.03 13.79
C ARG A 27 20.28 8.17 12.64
N THR A 28 21.31 7.37 12.88
CA THR A 28 21.92 6.58 11.81
C THR A 28 22.74 5.37 12.25
N ARG A 29 22.20 4.52 13.12
CA ARG A 29 22.96 3.35 13.58
C ARG A 29 23.60 2.51 12.47
N GLU A 30 24.50 1.62 12.87
CA GLU A 30 25.15 0.70 11.97
C GLU A 30 24.94 -0.67 12.62
N VAL A 31 24.86 -1.73 11.85
CA VAL A 31 24.64 -3.00 12.53
C VAL A 31 25.25 -4.19 11.82
N GLU A 32 26.23 -4.82 12.45
CA GLU A 32 26.75 -6.07 11.92
C GLU A 32 25.58 -7.03 12.11
N TYR A 33 24.62 -6.94 11.19
CA TYR A 33 23.44 -7.79 11.21
C TYR A 33 23.83 -9.22 10.98
N LYS A 34 23.22 -10.10 11.75
CA LYS A 34 23.50 -11.52 11.63
C LYS A 34 22.21 -12.19 11.14
N PRO A 35 22.10 -12.35 9.82
CA PRO A 35 20.94 -12.97 9.19
C PRO A 35 20.86 -14.49 9.37
N SER A 36 19.66 -15.02 9.35
CA SER A 36 19.48 -16.48 9.45
C SER A 36 18.60 -17.02 8.31
N LEU A 37 19.14 -17.97 7.55
CA LEU A 37 18.37 -18.58 6.47
C LEU A 37 17.91 -19.90 7.00
N PHE A 38 17.37 -20.75 6.16
CA PHE A 38 16.93 -22.03 6.68
C PHE A 38 17.28 -23.11 5.71
N ALA A 39 17.12 -24.33 6.18
CA ALA A 39 17.44 -25.47 5.38
C ALA A 39 16.61 -26.64 5.86
N HIS A 40 16.22 -27.48 4.92
CA HIS A 40 15.40 -28.62 5.23
C HIS A 40 16.21 -29.55 6.13
N CYS A 41 15.50 -30.38 6.89
CA CYS A 41 16.13 -31.34 7.79
C CYS A 41 15.17 -32.51 8.00
N PRO A 42 15.67 -33.63 8.53
CA PRO A 42 14.76 -34.76 8.73
C PRO A 42 13.70 -34.45 9.80
N GLU A 43 12.53 -35.08 9.70
CA GLU A 43 11.46 -34.83 10.67
C GLU A 43 11.90 -35.36 12.03
N SER A 44 13.20 -35.63 12.10
CA SER A 44 13.83 -36.15 13.29
C SER A 44 14.34 -34.99 14.15
N GLN A 45 14.98 -33.99 13.52
CA GLN A 45 15.44 -32.83 14.24
C GLN A 45 14.25 -31.92 14.52
N ALA A 46 13.08 -32.34 14.03
CA ALA A 46 11.82 -31.60 14.12
C ALA A 46 11.83 -30.42 15.10
N THR A 47 11.51 -29.24 14.56
CA THR A 47 11.46 -28.04 15.36
C THR A 47 10.08 -27.37 15.38
N LYS A 48 10.07 -26.08 15.08
CA LYS A 48 8.87 -25.28 15.08
C LYS A 48 8.81 -24.52 13.76
N TYR A 49 9.77 -24.78 12.90
CA TYR A 49 9.84 -24.12 11.61
C TYR A 49 9.47 -25.06 10.48
N PHE A 50 8.72 -24.55 9.50
CA PHE A 50 8.30 -25.33 8.31
C PHE A 50 8.17 -24.46 7.05
N ASP A 51 8.14 -25.11 5.89
CA ASP A 51 7.97 -24.38 4.64
C ASP A 51 6.48 -24.47 4.29
N ILE A 52 6.04 -23.64 3.36
CA ILE A 52 4.63 -23.63 2.99
C ILE A 52 4.15 -25.01 2.61
N TYR A 53 5.08 -25.87 2.22
CA TYR A 53 4.70 -27.21 1.84
C TYR A 53 4.62 -28.14 3.05
N GLY A 54 4.92 -27.61 4.23
CA GLY A 54 4.84 -28.44 5.42
C GLY A 54 6.10 -29.21 5.84
N LYS A 55 7.15 -29.14 5.04
CA LYS A 55 8.37 -29.83 5.37
C LYS A 55 9.00 -29.11 6.58
N PRO A 56 9.53 -29.86 7.56
CA PRO A 56 10.14 -29.19 8.70
C PRO A 56 11.49 -28.62 8.26
N CYS A 57 11.77 -27.40 8.70
CA CYS A 57 13.02 -26.74 8.35
C CYS A 57 13.87 -26.48 9.60
N THR A 58 15.09 -25.99 9.38
CA THR A 58 16.00 -25.71 10.47
C THR A 58 16.72 -24.35 10.31
N ARG A 59 16.81 -23.60 11.42
CA ARG A 59 17.48 -22.30 11.38
C ARG A 59 18.96 -22.38 11.12
N LYS A 60 19.53 -21.28 10.66
CA LYS A 60 20.96 -21.19 10.35
C LYS A 60 21.42 -19.77 10.59
N LEU A 61 21.87 -19.51 11.81
CA LEU A 61 22.35 -18.20 12.19
C LEU A 61 23.73 -17.92 11.61
N PHE A 62 23.86 -16.87 10.81
CA PHE A 62 25.13 -16.56 10.20
C PHE A 62 25.90 -15.48 10.94
N ALA A 63 27.22 -15.54 10.83
CA ALA A 63 28.10 -14.57 11.45
C ALA A 63 27.76 -13.20 10.85
N ASN A 64 28.01 -13.07 9.56
CA ASN A 64 27.71 -11.84 8.86
C ASN A 64 26.83 -12.22 7.68
N MET A 65 26.47 -11.22 6.88
CA MET A 65 25.62 -11.49 5.73
C MET A 65 26.36 -12.19 4.62
N ARG A 66 27.49 -11.65 4.17
CA ARG A 66 28.26 -12.27 3.09
C ARG A 66 28.52 -13.74 3.42
N ASP A 67 28.51 -14.05 4.71
CA ASP A 67 28.72 -15.39 5.18
C ASP A 67 27.52 -16.17 4.70
N ALA A 68 26.35 -15.54 4.82
CA ALA A 68 25.06 -16.12 4.44
C ALA A 68 24.84 -16.15 2.95
N SER A 69 25.10 -15.04 2.28
CA SER A 69 24.97 -14.95 0.84
C SER A 69 25.63 -16.17 0.21
N GLN A 70 26.93 -16.32 0.47
CA GLN A 70 27.68 -17.43 -0.10
C GLN A 70 27.08 -18.78 0.26
N TRP A 71 26.41 -18.88 1.40
CA TRP A 71 25.82 -20.16 1.75
C TRP A 71 24.90 -20.53 0.60
N ILE A 72 24.07 -19.57 0.23
CA ILE A 72 23.12 -19.73 -0.85
C ILE A 72 23.93 -20.17 -2.07
N LYS A 73 24.82 -19.30 -2.54
CA LYS A 73 25.68 -19.64 -3.67
C LYS A 73 26.10 -21.11 -3.58
N ARG A 74 26.59 -21.53 -2.43
CA ARG A 74 27.00 -22.91 -2.30
C ARG A 74 25.84 -23.85 -2.41
N MET A 75 24.88 -23.69 -1.51
CA MET A 75 23.70 -24.55 -1.53
C MET A 75 23.10 -24.75 -2.93
N GLU A 76 23.26 -23.74 -3.79
CA GLU A 76 22.74 -23.79 -5.15
C GLU A 76 23.58 -24.68 -6.03
N ASP A 77 24.90 -24.52 -6.01
CA ASP A 77 25.76 -25.39 -6.83
C ASP A 77 25.61 -26.81 -6.28
N ILE A 78 25.56 -26.94 -4.96
CA ILE A 78 25.39 -28.24 -4.31
C ILE A 78 24.13 -28.94 -4.87
N GLY A 79 23.02 -28.22 -4.89
CA GLY A 79 21.78 -28.79 -5.41
C GLY A 79 20.63 -28.79 -4.42
N LEU A 80 20.82 -28.13 -3.26
CA LEU A 80 19.79 -28.07 -2.22
C LEU A 80 19.16 -26.69 -2.03
N GLU A 81 17.97 -26.68 -1.45
CA GLU A 81 17.26 -25.42 -1.27
C GLU A 81 17.67 -24.65 -0.04
N ALA A 82 17.82 -23.34 -0.23
CA ALA A 82 18.19 -22.42 0.84
C ALA A 82 17.00 -21.52 1.12
N LEU A 83 16.13 -21.97 2.03
CA LEU A 83 14.94 -21.22 2.39
C LEU A 83 15.23 -19.96 3.19
N GLY A 84 14.17 -19.23 3.52
CA GLY A 84 14.34 -17.99 4.25
C GLY A 84 14.45 -16.75 3.37
N MET A 85 14.28 -15.59 4.01
CA MET A 85 14.34 -14.30 3.35
C MET A 85 15.75 -13.87 2.96
N ASP A 86 16.13 -14.07 1.70
CA ASP A 86 17.46 -13.71 1.22
C ASP A 86 17.70 -12.23 0.98
N ASP A 87 16.68 -11.38 1.13
CA ASP A 87 16.91 -9.96 0.97
C ASP A 87 17.06 -9.48 2.39
N PHE A 88 18.30 -9.38 2.82
CA PHE A 88 18.61 -8.99 4.18
C PHE A 88 17.99 -7.70 4.63
N LYS A 89 18.12 -6.63 3.85
CA LYS A 89 17.46 -5.38 4.25
C LYS A 89 16.02 -5.70 4.69
N LEU A 90 15.37 -6.60 3.95
CA LEU A 90 14.00 -6.98 4.29
C LEU A 90 14.01 -7.66 5.65
N ALA A 91 14.81 -8.71 5.78
CA ALA A 91 14.90 -9.45 7.04
C ALA A 91 15.26 -8.55 8.20
N TYR A 92 16.23 -7.66 7.99
CA TYR A 92 16.64 -6.74 9.04
C TYR A 92 15.41 -5.97 9.53
N LEU A 93 14.86 -5.13 8.66
CA LEU A 93 13.67 -4.33 8.97
C LEU A 93 12.60 -5.17 9.64
N SER A 94 12.54 -6.44 9.29
CA SER A 94 11.54 -7.31 9.87
C SER A 94 11.79 -7.58 11.35
N ASP A 95 13.00 -7.99 11.69
CA ASP A 95 13.34 -8.25 13.07
C ASP A 95 13.33 -6.95 13.87
N THR A 96 13.89 -5.91 13.27
CA THR A 96 13.99 -4.59 13.88
C THR A 96 12.62 -3.96 14.20
N TYR A 97 11.59 -4.37 13.47
CA TYR A 97 10.26 -3.78 13.67
C TYR A 97 9.14 -4.82 13.76
N ASN A 98 9.35 -5.74 14.69
CA ASN A 98 8.42 -6.81 14.95
C ASN A 98 7.08 -6.27 15.44
N TYR A 99 6.51 -5.33 14.70
CA TYR A 99 5.23 -4.77 15.10
C TYR A 99 4.69 -3.88 14.01
N GLU A 100 3.40 -3.53 14.11
CA GLU A 100 2.77 -2.65 13.12
C GLU A 100 3.28 -1.19 13.24
N ILE A 101 4.17 -0.83 12.32
CA ILE A 101 4.81 0.48 12.25
C ILE A 101 3.93 1.72 12.08
N LYS A 102 3.95 2.60 13.08
CA LYS A 102 3.18 3.87 13.03
C LYS A 102 4.23 4.96 12.76
N TYR A 103 4.07 5.73 11.69
CA TYR A 103 5.05 6.77 11.38
C TYR A 103 4.57 8.22 11.47
N ASP A 104 5.55 9.10 11.68
CA ASP A 104 5.31 10.54 11.81
C ASP A 104 5.85 11.26 10.58
N HIS A 105 5.04 11.33 9.53
CA HIS A 105 5.44 11.96 8.27
C HIS A 105 6.11 13.31 8.50
N THR A 106 5.82 13.92 9.63
CA THR A 106 6.42 15.20 9.96
C THR A 106 7.93 15.03 10.00
N LYS A 107 8.40 14.21 10.95
CA LYS A 107 9.82 13.96 11.14
C LYS A 107 10.57 13.53 9.89
N ILE A 108 9.81 13.13 8.86
CA ILE A 108 10.42 12.69 7.61
C ILE A 108 10.79 13.92 6.79
N ARG A 109 12.04 13.97 6.33
CA ARG A 109 12.48 15.12 5.53
C ARG A 109 12.32 14.82 4.05
N VAL A 110 11.33 15.47 3.47
CA VAL A 110 11.05 15.32 2.05
C VAL A 110 11.64 16.55 1.35
N ALA A 111 12.48 16.31 0.36
CA ALA A 111 13.12 17.39 -0.37
C ALA A 111 12.69 17.44 -1.82
N ASN A 112 12.16 18.59 -2.23
CA ASN A 112 11.72 18.81 -3.61
C ASN A 112 12.63 19.84 -4.26
N PHE A 113 13.01 19.60 -5.50
CA PHE A 113 13.89 20.55 -6.19
C PHE A 113 14.03 20.23 -7.68
N ASP A 114 14.48 21.21 -8.45
CA ASP A 114 14.70 21.02 -9.89
C ASP A 114 15.99 21.68 -10.36
N ILE A 115 16.34 21.46 -11.62
CA ILE A 115 17.57 22.01 -12.19
C ILE A 115 17.35 22.95 -13.37
N GLU A 116 18.13 24.03 -13.38
CA GLU A 116 18.11 25.03 -14.44
C GLU A 116 19.46 24.98 -15.12
N VAL A 117 19.47 24.67 -16.42
CA VAL A 117 20.71 24.57 -17.17
C VAL A 117 20.65 25.37 -18.48
N THR A 118 21.81 25.55 -19.10
CA THR A 118 21.91 26.29 -20.36
C THR A 118 22.88 25.61 -21.32
N SER A 119 22.69 25.87 -22.60
CA SER A 119 23.53 25.28 -23.64
C SER A 119 23.14 25.87 -25.00
N PRO A 120 24.08 25.89 -25.95
CA PRO A 120 23.81 26.43 -27.28
C PRO A 120 23.01 25.46 -28.16
N ASP A 121 22.54 24.37 -27.56
CA ASP A 121 21.76 23.37 -28.29
C ASP A 121 20.31 23.38 -27.84
N GLY A 122 20.09 23.30 -26.53
CA GLY A 122 18.72 23.31 -26.01
C GLY A 122 18.43 22.19 -25.03
N PHE A 123 18.79 20.98 -25.40
CA PHE A 123 18.58 19.81 -24.57
C PHE A 123 19.93 19.38 -23.99
N PRO A 124 20.23 19.79 -22.75
CA PRO A 124 21.51 19.44 -22.11
C PRO A 124 21.73 17.93 -22.08
N GLU A 125 22.87 17.49 -21.57
CA GLU A 125 23.15 16.06 -21.52
C GLU A 125 23.92 15.57 -20.30
N PRO A 126 23.21 14.96 -19.33
CA PRO A 126 23.80 14.43 -18.10
C PRO A 126 24.94 13.42 -18.40
N SER A 127 25.93 13.40 -17.53
CA SER A 127 27.11 12.59 -17.68
C SER A 127 28.15 13.36 -18.48
N GLN A 128 28.01 14.68 -18.46
CA GLN A 128 28.94 15.57 -19.15
C GLN A 128 29.18 16.80 -18.28
N ALA A 129 30.34 17.43 -18.47
CA ALA A 129 30.70 18.62 -17.73
C ALA A 129 29.71 19.74 -18.06
N LYS A 130 30.23 20.76 -18.72
CA LYS A 130 29.41 21.89 -19.16
C LYS A 130 28.33 22.25 -18.17
N HIS A 131 28.59 22.06 -16.89
CA HIS A 131 27.59 22.44 -15.97
C HIS A 131 27.55 23.95 -15.88
N PRO A 132 26.61 24.60 -16.57
CA PRO A 132 26.44 26.04 -16.44
C PRO A 132 25.53 26.35 -15.24
N ILE A 133 24.80 25.30 -14.75
CA ILE A 133 23.82 25.34 -13.60
C ILE A 133 23.27 26.70 -13.28
N ASP A 134 22.37 27.17 -14.15
CA ASP A 134 21.74 28.46 -13.97
C ASP A 134 21.21 28.66 -12.56
N ALA A 135 20.28 27.81 -12.14
CA ALA A 135 19.70 27.90 -10.80
C ALA A 135 19.30 26.54 -10.24
N ILE A 136 19.10 26.49 -8.92
CA ILE A 136 18.71 25.26 -8.24
C ILE A 136 17.90 25.57 -6.98
N THR A 137 16.62 25.17 -6.97
CA THR A 137 15.77 25.41 -5.81
C THR A 137 15.33 24.14 -5.10
N HIS A 138 15.91 23.94 -3.92
CA HIS A 138 15.68 22.79 -3.07
C HIS A 138 14.55 23.10 -2.09
N TYR A 139 13.93 22.05 -1.55
CA TYR A 139 12.85 22.24 -0.60
C TYR A 139 13.06 21.35 0.62
N ASP A 140 12.31 21.63 1.70
CA ASP A 140 12.45 20.85 2.91
C ASP A 140 11.18 20.87 3.76
N SER A 141 10.42 19.78 3.71
CA SER A 141 9.17 19.64 4.45
C SER A 141 9.23 20.02 5.93
N ILE A 142 10.43 20.21 6.48
CA ILE A 142 10.54 20.56 7.88
C ILE A 142 10.60 22.07 8.14
N ASP A 143 11.55 22.75 7.52
CA ASP A 143 11.65 24.21 7.68
C ASP A 143 10.56 24.87 6.86
N ASP A 144 10.08 24.16 5.85
CA ASP A 144 9.01 24.63 4.98
C ASP A 144 9.40 25.84 4.11
N ARG A 145 10.67 25.92 3.73
CA ARG A 145 11.13 27.04 2.91
C ARG A 145 11.80 26.53 1.64
N PHE A 146 11.90 27.41 0.63
CA PHE A 146 12.53 27.05 -0.63
C PHE A 146 13.92 27.65 -0.63
N TYR A 147 14.93 26.82 -0.89
CA TYR A 147 16.29 27.33 -0.91
C TYR A 147 16.76 27.48 -2.36
N VAL A 148 16.54 28.68 -2.89
CA VAL A 148 16.90 28.99 -4.27
C VAL A 148 18.39 29.30 -4.40
N PHE A 149 18.98 28.83 -5.50
CA PHE A 149 20.40 29.03 -5.77
C PHE A 149 20.61 29.73 -7.13
N ASP A 150 20.95 31.01 -7.09
CA ASP A 150 21.18 31.81 -8.29
C ASP A 150 22.65 31.88 -8.68
N LEU A 151 22.89 32.16 -9.96
CA LEU A 151 24.25 32.28 -10.48
C LEU A 151 24.38 33.57 -11.29
N LEU A 152 24.81 34.63 -10.61
CA LEU A 152 24.89 35.96 -11.21
C LEU A 152 25.96 36.03 -12.30
N ASN A 153 27.03 35.34 -12.16
CA ASN A 153 27.94 35.30 -13.27
C ASN A 153 28.46 33.90 -13.31
N SER A 154 29.42 33.73 -14.17
CA SER A 154 30.11 32.49 -14.38
C SER A 154 30.82 32.71 -15.72
N PRO A 155 31.05 31.68 -16.48
CA PRO A 155 31.74 31.78 -17.75
C PRO A 155 30.82 32.23 -18.89
N TYR A 156 29.55 31.90 -18.67
CA TYR A 156 28.51 32.20 -19.61
C TYR A 156 27.26 32.67 -18.94
N GLY A 157 26.98 33.94 -19.08
CA GLY A 157 25.85 34.63 -18.53
C GLY A 157 26.26 35.53 -17.39
N ASN A 158 25.44 36.46 -17.00
CA ASN A 158 25.83 37.32 -15.87
C ASN A 158 24.72 38.29 -15.59
N VAL A 159 24.91 39.15 -14.58
CA VAL A 159 23.94 40.18 -14.22
C VAL A 159 22.66 39.67 -13.52
N GLU A 160 21.76 40.62 -13.51
CA GLU A 160 20.42 40.60 -12.99
C GLU A 160 20.10 39.46 -11.99
N GLU A 161 20.43 39.77 -10.73
CA GLU A 161 20.23 38.97 -9.52
C GLU A 161 18.77 39.11 -9.07
N TRP A 162 18.13 37.99 -8.80
CA TRP A 162 16.73 37.93 -8.43
C TRP A 162 16.21 39.10 -7.63
N SER A 163 14.97 39.40 -7.89
CA SER A 163 14.25 40.50 -7.26
C SER A 163 13.09 39.97 -6.41
N ILE A 164 13.31 39.88 -5.09
CA ILE A 164 12.28 39.38 -4.20
C ILE A 164 11.02 40.23 -4.28
N GLU A 165 11.20 41.54 -4.20
CA GLU A 165 10.10 42.50 -4.28
C GLU A 165 9.47 42.39 -5.66
N ILE A 166 10.33 42.40 -6.68
CA ILE A 166 9.89 42.30 -8.07
C ILE A 166 9.57 40.85 -8.40
N ALA A 167 8.46 40.40 -7.87
CA ALA A 167 8.01 39.04 -8.10
C ALA A 167 7.71 38.84 -9.56
N ALA A 168 8.73 38.63 -10.35
CA ALA A 168 8.49 38.44 -11.78
C ALA A 168 7.18 39.16 -12.22
N LYS A 169 7.35 40.47 -12.39
CA LYS A 169 6.40 41.45 -12.92
C LYS A 169 5.35 42.09 -12.02
N LEU A 170 4.21 42.36 -12.70
CA LEU A 170 2.94 42.96 -12.20
C LEU A 170 2.12 43.66 -13.34
N GLN A 171 0.82 43.73 -13.14
CA GLN A 171 -0.10 44.37 -14.10
C GLN A 171 0.18 43.98 -15.56
N GLU A 172 0.70 42.77 -15.76
CA GLU A 172 1.01 42.31 -17.11
C GLU A 172 0.87 40.80 -17.29
N GLN A 173 1.78 40.22 -18.07
CA GLN A 173 1.78 38.79 -18.35
C GLN A 173 3.20 38.20 -18.26
N GLY A 174 4.07 38.89 -17.53
CA GLY A 174 5.44 38.42 -17.38
C GLY A 174 5.82 38.27 -15.92
N GLY A 175 4.83 38.08 -15.06
CA GLY A 175 5.10 37.92 -13.64
C GLY A 175 4.46 36.69 -13.02
N ASP A 176 3.25 36.38 -13.46
CA ASP A 176 2.51 35.22 -12.96
C ASP A 176 2.35 35.23 -11.44
N GLU A 177 2.69 36.35 -10.81
CA GLU A 177 2.60 36.47 -9.36
C GLU A 177 3.18 35.20 -8.72
N VAL A 178 4.29 34.73 -9.27
CA VAL A 178 4.97 33.53 -8.80
C VAL A 178 4.78 33.24 -7.31
N PRO A 179 5.26 34.15 -6.42
CA PRO A 179 5.11 33.95 -4.98
C PRO A 179 3.68 34.11 -4.48
N SER A 180 2.73 33.74 -5.34
CA SER A 180 1.31 33.83 -5.04
C SER A 180 1.02 34.05 -3.57
N GLU A 181 1.34 33.03 -2.77
CA GLU A 181 1.09 33.08 -1.34
C GLU A 181 2.37 32.79 -0.54
N ILE A 182 2.38 33.14 0.73
CA ILE A 182 3.47 32.87 1.70
C ILE A 182 4.90 33.09 1.22
N ILE A 183 5.53 34.14 1.74
CA ILE A 183 6.91 34.50 1.38
C ILE A 183 7.89 34.30 2.54
N ASP A 184 7.37 33.91 3.70
CA ASP A 184 8.26 33.59 4.80
C ASP A 184 9.21 32.45 4.34
N LYS A 185 8.79 31.70 3.29
CA LYS A 185 9.52 30.50 2.81
C LYS A 185 10.57 30.65 1.68
N ILE A 186 10.43 31.62 0.77
CA ILE A 186 11.44 31.85 -0.31
C ILE A 186 12.77 32.35 0.32
N ILE A 187 13.89 31.59 0.32
CA ILE A 187 15.09 32.15 0.95
C ILE A 187 16.24 32.34 -0.05
N TYR A 188 16.30 33.52 -0.65
CA TYR A 188 17.34 33.84 -1.62
C TYR A 188 18.67 34.11 -0.93
N MET A 189 19.60 33.16 -1.06
CA MET A 189 20.92 33.32 -0.46
C MET A 189 22.09 33.11 -1.42
N PRO A 190 21.84 33.12 -2.74
CA PRO A 190 22.94 32.93 -3.69
C PRO A 190 24.06 33.91 -3.44
N PHE A 191 25.24 33.34 -3.25
CA PHE A 191 26.46 34.01 -2.90
C PHE A 191 27.20 34.78 -3.99
N ASP A 192 26.85 34.61 -5.24
CA ASP A 192 27.39 35.41 -6.32
C ASP A 192 28.62 34.86 -7.02
N ASN A 193 28.35 33.63 -7.54
CA ASN A 193 29.20 32.76 -8.36
C ASN A 193 28.72 31.30 -8.17
N GLU A 194 29.31 30.43 -8.99
CA GLU A 194 28.95 29.01 -9.03
C GLU A 194 30.06 28.20 -8.41
N LYS A 195 31.30 28.55 -8.75
CA LYS A 195 32.48 27.87 -8.25
C LYS A 195 32.31 27.52 -6.76
N GLU A 196 31.53 28.33 -6.06
CA GLU A 196 31.27 28.11 -4.64
C GLU A 196 29.84 27.70 -4.34
N LEU A 197 28.87 28.32 -5.02
CA LEU A 197 27.47 27.99 -4.80
C LEU A 197 27.09 26.60 -5.30
N LEU A 198 28.02 25.96 -6.02
CA LEU A 198 27.77 24.62 -6.53
C LEU A 198 28.14 23.63 -5.44
N MET A 199 28.94 24.08 -4.48
CA MET A 199 29.39 23.24 -3.37
C MET A 199 28.57 23.54 -2.11
N GLU A 200 28.19 24.80 -1.96
CA GLU A 200 27.40 25.25 -0.82
C GLU A 200 26.28 24.24 -0.53
N TYR A 201 25.72 23.68 -1.60
CA TYR A 201 24.63 22.71 -1.49
C TYR A 201 25.06 21.55 -0.59
N LEU A 202 26.27 21.03 -0.81
CA LEU A 202 26.76 19.93 0.02
C LEU A 202 26.70 20.31 1.50
N ASN A 203 27.26 21.46 1.85
CA ASN A 203 27.25 21.93 3.24
C ASN A 203 25.80 22.00 3.72
N PHE A 204 24.91 22.27 2.77
CA PHE A 204 23.48 22.37 3.01
C PHE A 204 22.88 20.97 3.14
N TRP A 205 23.34 20.09 2.25
CA TRP A 205 22.92 18.70 2.20
C TRP A 205 23.15 18.04 3.53
N GLN A 206 24.25 18.40 4.18
CA GLN A 206 24.60 17.81 5.47
C GLN A 206 23.81 18.46 6.60
N GLN A 207 23.31 19.67 6.38
CA GLN A 207 22.56 20.35 7.42
C GLN A 207 21.10 19.89 7.36
N LYS A 208 20.71 19.38 6.20
CA LYS A 208 19.35 18.89 6.00
C LYS A 208 19.41 17.71 5.05
N THR A 209 20.08 16.65 5.49
CA THR A 209 20.23 15.43 4.70
C THR A 209 18.88 14.91 4.27
N PRO A 210 18.67 14.81 2.94
CA PRO A 210 17.43 14.34 2.31
C PRO A 210 17.07 12.88 2.60
N VAL A 211 15.80 12.65 2.93
CA VAL A 211 15.33 11.30 3.18
C VAL A 211 14.53 10.89 1.95
N ILE A 212 13.61 11.75 1.52
CA ILE A 212 12.79 11.51 0.33
C ILE A 212 12.96 12.65 -0.65
N LEU A 213 13.66 12.34 -1.74
CA LEU A 213 13.95 13.33 -2.74
C LEU A 213 13.15 13.11 -4.00
N THR A 214 12.01 13.74 -4.08
CA THR A 214 11.27 13.66 -5.33
C THR A 214 11.17 15.09 -5.88
N GLY A 215 11.02 15.17 -7.19
CA GLY A 215 10.87 16.36 -8.01
C GLY A 215 10.47 15.85 -9.38
N TRP A 216 10.56 16.70 -10.39
CA TRP A 216 10.16 16.27 -11.73
C TRP A 216 11.34 15.75 -12.55
N ASN A 217 11.23 14.53 -13.06
CA ASN A 217 12.29 13.91 -13.84
C ASN A 217 13.62 14.17 -13.16
N VAL A 218 13.64 13.92 -11.86
CA VAL A 218 14.81 14.11 -11.04
C VAL A 218 15.66 12.86 -11.05
N GLU A 219 14.99 11.71 -11.13
CA GLU A 219 15.69 10.44 -11.13
C GLU A 219 16.52 10.24 -12.38
N SER A 220 16.20 10.97 -13.45
CA SER A 220 16.94 10.84 -14.71
C SER A 220 17.76 12.05 -15.14
N PHE A 221 17.32 13.24 -14.74
CA PHE A 221 18.01 14.47 -15.12
C PHE A 221 18.82 15.13 -14.00
N ALA A 222 18.16 15.84 -13.10
CA ALA A 222 18.82 16.53 -11.99
C ALA A 222 19.90 15.71 -11.29
N ILE A 223 19.49 14.92 -10.30
CA ILE A 223 20.39 14.08 -9.53
C ILE A 223 21.50 13.39 -10.36
N PRO A 224 21.12 12.61 -11.38
CA PRO A 224 22.12 11.93 -12.20
C PRO A 224 23.17 12.88 -12.73
N TYR A 225 22.76 14.11 -13.02
CA TYR A 225 23.65 15.14 -13.55
C TYR A 225 24.31 15.90 -12.40
N VAL A 226 23.49 16.39 -11.47
CA VAL A 226 23.97 17.15 -10.32
C VAL A 226 25.04 16.37 -9.56
N TYR A 227 25.30 15.14 -10.02
CA TYR A 227 26.32 14.29 -9.42
C TYR A 227 27.51 14.29 -10.35
N ASN A 228 27.25 13.98 -11.62
CA ASN A 228 28.30 13.95 -12.62
C ASN A 228 29.17 15.20 -12.57
N ARG A 229 28.55 16.37 -12.76
CA ARG A 229 29.28 17.62 -12.76
C ARG A 229 30.22 17.76 -11.58
N ILE A 230 29.68 18.03 -10.39
CA ILE A 230 30.50 18.18 -9.20
C ILE A 230 31.68 17.20 -9.16
N LYS A 231 31.43 15.96 -9.59
CA LYS A 231 32.47 14.93 -9.61
C LYS A 231 33.71 15.41 -10.33
N ASN A 232 33.52 15.90 -11.55
CA ASN A 232 34.62 16.37 -12.37
C ASN A 232 35.23 17.67 -11.86
N ILE A 233 34.64 18.25 -10.83
CA ILE A 233 35.15 19.49 -10.25
C ILE A 233 35.84 19.26 -8.91
N PHE A 234 35.10 18.67 -7.96
CA PHE A 234 35.64 18.41 -6.63
C PHE A 234 36.12 16.96 -6.47
N GLY A 235 36.07 16.21 -7.56
CA GLY A 235 36.49 14.82 -7.50
C GLY A 235 35.39 13.86 -7.10
N GLU A 236 35.45 12.65 -7.64
CA GLU A 236 34.47 11.61 -7.34
C GLU A 236 34.22 11.48 -5.85
N SER A 237 35.28 11.21 -5.09
CA SER A 237 35.16 11.07 -3.64
C SER A 237 34.35 12.21 -3.04
N THR A 238 34.58 13.43 -3.52
CA THR A 238 33.85 14.60 -3.04
C THR A 238 32.67 14.86 -3.97
N ALA A 239 31.90 13.81 -4.22
CA ALA A 239 30.72 13.88 -5.08
C ALA A 239 29.69 12.95 -4.45
N LYS A 240 30.19 12.05 -3.60
CA LYS A 240 29.37 11.08 -2.89
C LYS A 240 28.91 11.69 -1.57
N ARG A 241 29.04 13.00 -1.47
CA ARG A 241 28.65 13.73 -0.28
C ARG A 241 27.13 13.87 -0.29
N LEU A 242 26.55 13.58 -1.46
CA LEU A 242 25.11 13.64 -1.62
C LEU A 242 24.49 12.40 -0.99
N SER A 243 25.37 11.47 -0.60
CA SER A 243 24.96 10.23 0.06
C SER A 243 25.45 10.22 1.50
N PRO A 244 24.53 10.12 2.47
CA PRO A 244 24.91 10.11 3.89
C PRO A 244 25.83 8.94 4.23
N HIS A 245 26.24 8.20 3.20
CA HIS A 245 27.11 7.05 3.37
C HIS A 245 28.24 7.15 2.38
N ARG A 246 28.50 8.37 1.95
CA ARG A 246 29.53 8.64 0.97
C ARG A 246 29.36 7.71 -0.23
N LYS A 247 28.73 6.58 0.03
CA LYS A 247 28.55 5.52 -0.96
C LYS A 247 27.61 5.81 -2.12
N THR A 248 27.85 5.17 -3.26
CA THR A 248 27.01 5.37 -4.42
C THR A 248 27.25 4.31 -5.50
N ARG A 249 26.27 4.15 -6.39
CA ARG A 249 26.36 3.18 -7.47
C ARG A 249 25.63 3.71 -8.69
N VAL A 250 25.97 3.17 -9.86
CA VAL A 250 25.31 3.59 -11.08
C VAL A 250 24.64 2.37 -11.68
N LYS A 251 23.58 2.60 -12.46
CA LYS A 251 22.86 1.50 -13.08
C LYS A 251 22.29 1.98 -14.41
N VAL A 252 22.90 1.55 -15.51
CA VAL A 252 22.44 1.94 -16.83
C VAL A 252 21.20 1.15 -17.19
N ILE A 253 20.18 1.86 -17.69
CA ILE A 253 18.94 1.23 -18.09
C ILE A 253 18.70 1.39 -19.58
N GLU A 254 18.85 0.30 -20.33
CA GLU A 254 18.67 0.33 -21.77
C GLU A 254 17.19 0.52 -22.12
N ASN A 255 16.94 1.25 -23.19
CA ASN A 255 15.58 1.52 -23.65
C ASN A 255 15.36 0.91 -25.03
N MET A 256 14.56 1.57 -25.86
CA MET A 256 14.27 1.07 -27.22
C MET A 256 15.45 1.33 -28.15
N TYR A 257 15.51 2.55 -28.68
CA TYR A 257 16.58 2.94 -29.59
C TYR A 257 17.62 3.79 -28.87
N GLY A 258 17.40 4.00 -27.57
CA GLY A 258 18.34 4.80 -26.79
C GLY A 258 18.53 4.31 -25.37
N SER A 259 19.37 5.01 -24.62
CA SER A 259 19.65 4.64 -23.23
C SER A 259 20.31 5.79 -22.48
N ARG A 260 20.03 5.89 -21.18
CA ARG A 260 20.59 6.92 -20.33
C ARG A 260 21.37 6.25 -19.21
N GLU A 261 21.53 6.95 -18.09
CA GLU A 261 22.25 6.41 -16.95
C GLU A 261 21.70 7.00 -15.66
N ILE A 262 21.36 6.14 -14.71
CA ILE A 262 20.82 6.58 -13.42
C ILE A 262 21.83 6.37 -12.31
N ILE A 263 21.89 7.33 -11.40
CA ILE A 263 22.82 7.26 -10.28
C ILE A 263 22.02 7.12 -8.98
N THR A 264 22.51 6.31 -8.06
CA THR A 264 21.82 6.09 -6.79
C THR A 264 22.58 6.56 -5.54
N LEU A 265 21.89 7.30 -4.68
CA LEU A 265 22.47 7.83 -3.45
C LEU A 265 22.12 6.97 -2.24
N PHE A 266 22.98 5.99 -1.93
CA PHE A 266 22.73 5.10 -0.79
C PHE A 266 22.24 5.87 0.42
N GLY A 267 21.26 5.29 1.11
CA GLY A 267 20.74 5.93 2.30
C GLY A 267 19.76 7.03 1.97
N ILE A 268 19.18 6.95 0.79
CA ILE A 268 18.17 7.92 0.35
C ILE A 268 17.13 7.24 -0.52
N SER A 269 15.96 7.84 -0.61
CA SER A 269 14.87 7.28 -1.40
C SER A 269 14.38 8.29 -2.44
N VAL A 270 14.84 8.13 -3.68
CA VAL A 270 14.44 9.03 -4.74
C VAL A 270 13.15 8.56 -5.42
N LEU A 271 12.10 9.33 -5.24
CA LEU A 271 10.83 9.00 -5.85
C LEU A 271 10.46 10.06 -6.88
N ASP A 272 10.87 9.84 -8.14
CA ASP A 272 10.58 10.80 -9.19
C ASP A 272 9.07 11.03 -9.29
N TYR A 273 8.59 12.11 -8.69
CA TYR A 273 7.17 12.38 -8.69
C TYR A 273 6.51 12.14 -10.03
N ILE A 274 7.28 12.27 -11.09
CA ILE A 274 6.73 12.02 -12.40
C ILE A 274 6.40 10.54 -12.44
N ASP A 275 7.35 9.72 -12.02
CA ASP A 275 7.17 8.28 -12.00
C ASP A 275 6.16 7.91 -10.92
N LEU A 276 5.97 8.82 -9.98
CA LEU A 276 5.03 8.58 -8.91
C LEU A 276 3.65 8.89 -9.49
N TYR A 277 3.62 9.80 -10.46
CA TYR A 277 2.38 10.22 -11.12
C TYR A 277 1.96 9.19 -12.16
N LYS A 278 2.93 8.74 -12.96
CA LYS A 278 2.67 7.75 -13.99
C LYS A 278 2.00 6.54 -13.37
N LYS A 279 2.60 6.06 -12.28
CA LYS A 279 2.07 4.87 -11.60
C LYS A 279 0.86 5.04 -10.70
N PHE A 280 0.78 6.11 -9.90
CA PHE A 280 -0.38 6.24 -9.02
C PHE A 280 -1.44 7.26 -9.44
N SER A 281 -1.46 7.55 -10.73
CA SER A 281 -2.43 8.47 -11.30
C SER A 281 -2.92 7.75 -12.55
N PHE A 282 -4.04 7.06 -12.43
CA PHE A 282 -4.59 6.31 -13.55
C PHE A 282 -5.24 7.19 -14.60
N THR A 283 -4.41 7.71 -15.51
CA THR A 283 -4.87 8.56 -16.58
C THR A 283 -3.97 8.30 -17.78
N ASN A 284 -2.67 8.31 -17.52
CA ASN A 284 -1.69 8.07 -18.57
C ASN A 284 -1.88 9.06 -19.72
N GLN A 285 -1.47 10.30 -19.47
CA GLN A 285 -1.56 11.38 -20.45
C GLN A 285 -0.69 11.07 -21.66
N PRO A 286 -0.68 11.96 -22.67
CA PRO A 286 0.12 11.73 -23.87
C PRO A 286 1.62 11.87 -23.62
N SER A 287 2.04 13.06 -23.20
CA SER A 287 3.44 13.36 -22.92
C SER A 287 3.56 14.19 -21.64
N TYR A 288 3.95 13.52 -20.56
CA TYR A 288 4.11 14.19 -19.27
C TYR A 288 5.26 15.17 -19.33
N SER A 289 4.96 16.39 -19.83
CA SER A 289 6.01 17.41 -19.92
C SER A 289 5.89 18.45 -18.81
N LEU A 290 5.04 18.17 -17.83
CA LEU A 290 4.78 19.07 -16.70
C LEU A 290 4.39 20.47 -17.16
N ASP A 291 4.07 20.68 -18.42
CA ASP A 291 3.56 21.97 -18.85
C ASP A 291 2.17 21.63 -19.39
N TYR A 292 1.58 20.64 -18.73
CA TYR A 292 0.30 20.10 -19.10
C TYR A 292 -0.32 19.39 -17.91
N ILE A 293 0.41 18.43 -17.34
CA ILE A 293 -0.05 17.71 -16.16
C ILE A 293 -0.46 18.75 -15.13
N SER A 294 0.37 19.77 -15.00
CA SER A 294 0.11 20.85 -14.06
C SER A 294 -1.14 21.57 -14.54
N GLU A 295 -1.12 21.95 -15.82
CA GLU A 295 -2.24 22.65 -16.45
C GLU A 295 -3.49 21.80 -16.39
N PHE A 296 -3.32 20.54 -15.99
CA PHE A 296 -4.42 19.59 -15.89
C PHE A 296 -4.88 19.55 -14.43
N GLU A 297 -3.97 19.14 -13.56
CA GLU A 297 -4.26 19.02 -12.13
C GLU A 297 -4.61 20.33 -11.44
N LEU A 298 -3.82 21.38 -11.71
CA LEU A 298 -4.09 22.69 -11.12
C LEU A 298 -4.95 23.52 -12.07
N ASN A 299 -5.19 22.95 -13.24
CA ASN A 299 -6.03 23.55 -14.28
C ASN A 299 -5.48 24.79 -14.97
N VAL A 300 -4.15 25.00 -14.99
CA VAL A 300 -3.57 26.18 -15.63
C VAL A 300 -2.16 26.01 -16.20
N GLY A 301 -1.99 26.46 -17.45
CA GLY A 301 -0.68 26.42 -18.10
C GLY A 301 -0.13 27.81 -17.86
N LYS A 302 1.03 27.94 -17.18
CA LYS A 302 1.50 29.27 -16.83
C LYS A 302 2.79 29.75 -17.46
N LEU A 303 3.31 30.76 -16.74
CA LEU A 303 4.53 31.50 -17.03
C LEU A 303 4.36 32.31 -18.31
N LYS A 304 3.38 32.00 -19.16
CA LYS A 304 3.20 32.82 -20.34
C LYS A 304 4.54 33.32 -20.91
N TYR A 305 5.45 32.38 -21.18
CA TYR A 305 6.79 32.70 -21.65
C TYR A 305 6.87 33.13 -23.12
N ASP A 306 7.71 34.12 -23.38
CA ASP A 306 7.93 34.65 -24.71
C ASP A 306 9.42 34.85 -24.89
N GLY A 307 10.07 33.87 -25.49
CA GLY A 307 11.49 33.95 -25.71
C GLY A 307 11.98 32.74 -26.48
N PRO A 308 13.25 32.76 -26.91
CA PRO A 308 13.82 31.63 -27.66
C PRO A 308 14.22 30.49 -26.73
N ILE A 309 13.55 29.35 -26.86
CA ILE A 309 13.83 28.21 -26.01
C ILE A 309 15.29 27.86 -26.12
N SER A 310 15.86 27.43 -25.00
CA SER A 310 17.26 27.02 -25.00
C SER A 310 18.20 28.19 -24.75
N LYS A 311 17.78 29.38 -25.17
CA LYS A 311 18.57 30.58 -25.02
C LYS A 311 18.01 31.59 -24.03
N LEU A 312 16.86 31.32 -23.44
CA LEU A 312 16.14 32.24 -22.56
C LEU A 312 16.94 32.88 -21.40
N ARG A 313 18.08 32.28 -21.04
CA ARG A 313 18.97 32.70 -19.94
C ARG A 313 19.25 34.23 -19.94
N GLU A 314 19.78 34.71 -21.06
CA GLU A 314 20.09 36.13 -21.23
C GLU A 314 18.82 36.96 -21.17
N SER A 315 17.69 36.36 -21.56
CA SER A 315 16.42 37.07 -21.55
C SER A 315 16.28 37.75 -20.19
N ASN A 316 16.12 36.96 -19.14
CA ASN A 316 15.98 37.52 -17.79
C ASN A 316 16.35 36.56 -16.67
N HIS A 317 16.11 37.01 -15.45
CA HIS A 317 16.36 36.25 -14.23
C HIS A 317 15.24 36.58 -13.25
N GLN A 318 14.65 37.76 -13.43
CA GLN A 318 13.55 38.21 -12.60
C GLN A 318 12.33 37.39 -13.02
N ARG A 319 12.44 36.81 -14.22
CA ARG A 319 11.39 35.97 -14.79
C ARG A 319 11.91 34.55 -15.02
N TYR A 320 13.23 34.39 -14.90
CA TYR A 320 13.84 33.08 -15.10
C TYR A 320 13.78 32.28 -13.81
N ILE A 321 14.46 32.81 -12.78
CA ILE A 321 14.49 32.17 -11.48
C ILE A 321 13.08 32.05 -10.92
N SER A 322 12.25 33.05 -11.18
CA SER A 322 10.87 33.03 -10.71
C SER A 322 10.22 31.71 -11.13
N TYR A 323 10.72 31.12 -12.21
CA TYR A 323 10.22 29.85 -12.73
C TYR A 323 10.77 28.73 -11.85
N ASN A 324 12.07 28.81 -11.57
CA ASN A 324 12.74 27.82 -10.75
C ASN A 324 12.26 27.91 -9.30
N ILE A 325 10.94 28.01 -9.13
CA ILE A 325 10.32 28.09 -7.82
C ILE A 325 8.87 27.64 -7.96
N ILE A 326 8.14 28.26 -8.87
CA ILE A 326 6.76 27.88 -9.12
C ILE A 326 6.80 26.42 -9.57
N ALA A 327 7.92 26.07 -10.22
CA ALA A 327 8.15 24.72 -10.69
C ALA A 327 8.25 23.80 -9.48
N VAL A 328 9.31 24.02 -8.71
CA VAL A 328 9.56 23.25 -7.50
C VAL A 328 8.41 23.43 -6.52
N TYR A 329 7.46 24.31 -6.87
CA TYR A 329 6.32 24.54 -6.00
C TYR A 329 5.05 23.92 -6.56
N ARG A 330 4.94 23.87 -7.89
CA ARG A 330 3.77 23.27 -8.52
C ARG A 330 3.81 21.76 -8.28
N VAL A 331 5.01 21.18 -8.38
CA VAL A 331 5.18 19.76 -8.15
C VAL A 331 4.69 19.52 -6.73
N LEU A 332 4.97 20.48 -5.85
CA LEU A 332 4.55 20.43 -4.45
C LEU A 332 3.05 20.62 -4.34
N GLN A 333 2.48 21.40 -5.26
CA GLN A 333 1.06 21.68 -5.27
C GLN A 333 0.24 20.46 -5.65
N ILE A 334 0.74 19.72 -6.62
CA ILE A 334 0.04 18.52 -7.07
C ILE A 334 -0.05 17.51 -5.92
N ASP A 335 1.11 17.10 -5.41
CA ASP A 335 1.14 16.14 -4.31
C ASP A 335 0.23 16.57 -3.17
N ALA A 336 0.01 17.86 -3.05
CA ALA A 336 -0.85 18.37 -1.99
C ALA A 336 -2.25 17.76 -2.05
N LYS A 337 -2.78 17.59 -3.26
CA LYS A 337 -4.11 17.01 -3.42
C LYS A 337 -4.09 15.61 -4.04
N ARG A 338 -2.90 15.15 -4.43
CA ARG A 338 -2.75 13.82 -5.00
C ARG A 338 -2.26 12.86 -3.91
N GLN A 339 -1.42 13.38 -3.01
CA GLN A 339 -0.90 12.63 -1.88
C GLN A 339 -0.13 11.37 -2.26
N PHE A 340 0.67 11.42 -3.31
CA PHE A 340 1.41 10.21 -3.69
C PHE A 340 2.61 9.92 -2.81
N ILE A 341 3.08 10.95 -2.10
CA ILE A 341 4.18 10.75 -1.18
C ILE A 341 3.55 9.98 -0.03
N ASN A 342 2.52 10.56 0.59
CA ASN A 342 1.81 9.93 1.70
C ASN A 342 1.39 8.52 1.34
N LEU A 343 0.97 8.32 0.08
CA LEU A 343 0.57 6.99 -0.36
C LEU A 343 1.78 6.06 -0.19
N SER A 344 2.89 6.42 -0.83
CA SER A 344 4.13 5.63 -0.78
C SER A 344 4.62 5.27 0.63
N LEU A 345 4.59 6.25 1.54
CA LEU A 345 5.00 6.02 2.91
C LEU A 345 4.11 4.95 3.56
N ASP A 346 2.80 5.09 3.38
CA ASP A 346 1.83 4.15 3.94
C ASP A 346 1.94 2.76 3.34
N MET A 347 2.67 2.63 2.24
CA MET A 347 2.82 1.32 1.64
C MET A 347 4.02 0.68 2.28
N GLY A 348 5.15 1.37 2.17
CA GLY A 348 6.40 0.89 2.72
C GLY A 348 6.35 0.44 4.16
N TYR A 349 5.93 1.33 5.05
CA TYR A 349 5.86 0.98 6.45
C TYR A 349 4.88 -0.17 6.72
N TYR A 350 4.06 -0.51 5.73
CA TYR A 350 3.11 -1.60 5.89
C TYR A 350 3.79 -2.87 5.41
N ALA A 351 4.46 -2.72 4.28
CA ALA A 351 5.21 -3.82 3.73
C ALA A 351 6.37 -4.13 4.64
N LYS A 352 7.12 -3.07 4.92
CA LYS A 352 8.29 -3.16 5.78
C LYS A 352 9.55 -3.24 4.91
N ILE A 353 9.35 -2.60 3.75
CA ILE A 353 10.27 -2.47 2.64
C ILE A 353 10.90 -1.06 2.59
N GLN A 354 11.88 -0.89 1.70
CA GLN A 354 12.50 0.42 1.49
C GLN A 354 11.42 1.27 0.84
N ILE A 355 11.10 2.42 1.44
CA ILE A 355 10.05 3.28 0.91
C ILE A 355 10.06 3.45 -0.61
N GLN A 356 11.24 3.49 -1.22
CA GLN A 356 11.32 3.65 -2.67
C GLN A 356 11.11 2.33 -3.38
N SER A 357 10.42 1.40 -2.74
CA SER A 357 10.21 0.12 -3.39
C SER A 357 8.77 -0.10 -3.76
N VAL A 358 7.96 0.94 -3.59
CA VAL A 358 6.56 0.84 -3.96
C VAL A 358 6.52 0.70 -5.48
N PHE A 359 7.57 1.13 -6.15
CA PHE A 359 7.62 0.99 -7.60
C PHE A 359 7.88 -0.47 -7.97
N SER A 360 8.01 -1.34 -6.97
CA SER A 360 8.23 -2.75 -7.25
C SER A 360 7.25 -3.60 -6.49
N PRO A 361 6.18 -4.05 -7.16
CA PRO A 361 5.16 -4.90 -6.52
C PRO A 361 5.66 -6.30 -6.19
N ILE A 362 6.54 -6.86 -7.02
CA ILE A 362 7.06 -8.19 -6.74
C ILE A 362 7.63 -8.18 -5.34
N LYS A 363 8.50 -7.21 -5.06
CA LYS A 363 9.16 -6.99 -3.74
C LYS A 363 8.14 -6.71 -2.62
N THR A 364 7.33 -5.66 -2.79
CA THR A 364 6.31 -5.30 -1.84
C THR A 364 5.54 -6.51 -1.34
N TRP A 365 5.03 -7.32 -2.26
CA TRP A 365 4.28 -8.51 -1.87
C TRP A 365 5.18 -9.54 -1.21
N ASP A 366 6.40 -9.66 -1.70
CA ASP A 366 7.35 -10.62 -1.15
C ASP A 366 7.48 -10.33 0.33
N ALA A 367 7.75 -9.07 0.64
CA ALA A 367 7.88 -8.64 2.02
C ALA A 367 6.63 -9.07 2.76
N ILE A 368 5.51 -8.46 2.42
CA ILE A 368 4.23 -8.76 3.04
C ILE A 368 3.97 -10.26 3.30
N ILE A 369 4.09 -11.08 2.27
CA ILE A 369 3.84 -12.51 2.45
C ILE A 369 4.85 -13.14 3.42
N PHE A 370 6.05 -12.59 3.41
CA PHE A 370 7.18 -13.01 4.25
C PHE A 370 6.83 -12.83 5.72
N ASN A 371 6.57 -11.58 6.07
CA ASN A 371 6.21 -11.21 7.43
C ASN A 371 5.00 -11.99 7.92
N SER A 372 3.99 -12.15 7.08
CA SER A 372 2.79 -12.87 7.49
C SER A 372 3.23 -14.24 7.87
N LEU A 373 3.99 -14.87 7.00
CA LEU A 373 4.45 -16.21 7.29
C LEU A 373 5.43 -16.29 8.47
N LYS A 374 6.34 -15.32 8.58
CA LYS A 374 7.30 -15.30 9.69
C LYS A 374 6.59 -15.49 11.02
N GLU A 375 5.55 -14.70 11.26
CA GLU A 375 4.76 -14.77 12.47
C GLU A 375 4.25 -16.17 12.74
N GLN A 376 4.08 -16.96 11.70
CA GLN A 376 3.58 -18.32 11.90
C GLN A 376 4.68 -19.37 11.98
N ASN A 377 5.93 -18.93 12.11
CA ASN A 377 7.07 -19.83 12.14
C ASN A 377 7.11 -20.67 10.86
N LYS A 378 6.64 -20.09 9.76
CA LYS A 378 6.63 -20.75 8.46
C LYS A 378 7.78 -20.15 7.65
N VAL A 379 8.46 -20.95 6.84
CA VAL A 379 9.59 -20.44 6.08
C VAL A 379 9.36 -20.20 4.58
N ILE A 380 9.56 -18.96 4.15
CA ILE A 380 9.36 -18.65 2.74
C ILE A 380 10.32 -19.44 1.87
N PRO A 381 9.79 -20.15 0.87
CA PRO A 381 10.58 -20.96 -0.07
C PRO A 381 11.67 -20.16 -0.74
N GLN A 382 12.54 -20.83 -1.49
CA GLN A 382 13.62 -20.15 -2.17
C GLN A 382 13.23 -19.79 -3.58
N GLY A 383 13.61 -18.59 -4.01
CA GLY A 383 13.27 -18.15 -5.35
C GLY A 383 14.08 -18.84 -6.43
N ARG A 384 13.44 -19.71 -7.21
CA ARG A 384 14.10 -20.45 -8.29
C ARG A 384 14.40 -19.64 -9.56
N SER A 385 14.94 -20.32 -10.58
CA SER A 385 15.25 -19.66 -11.84
C SER A 385 14.41 -20.26 -12.97
N HIS A 386 13.33 -19.57 -13.32
CA HIS A 386 12.44 -20.03 -14.36
C HIS A 386 12.71 -19.30 -15.66
N PRO A 387 12.42 -19.96 -16.79
CA PRO A 387 12.64 -19.35 -18.11
C PRO A 387 11.39 -18.54 -18.42
N VAL A 388 11.60 -17.34 -18.96
CA VAL A 388 10.45 -16.49 -19.27
C VAL A 388 9.74 -17.07 -20.48
N GLN A 389 8.48 -17.45 -20.25
CA GLN A 389 7.62 -18.06 -21.27
C GLN A 389 6.31 -17.30 -21.13
N PRO A 390 5.73 -16.88 -22.26
CA PRO A 390 4.46 -16.14 -22.25
C PRO A 390 3.21 -17.03 -22.08
N TYR A 391 2.15 -16.48 -21.49
CA TYR A 391 0.92 -17.25 -21.29
C TYR A 391 -0.35 -16.49 -21.69
N PRO A 392 -1.41 -17.24 -22.05
CA PRO A 392 -2.68 -16.62 -22.44
C PRO A 392 -3.08 -15.45 -21.54
N GLY A 393 -3.30 -14.29 -22.14
CA GLY A 393 -3.69 -13.12 -21.38
C GLY A 393 -5.20 -13.11 -21.16
N ALA A 394 -5.81 -11.93 -21.26
CA ALA A 394 -7.25 -11.81 -21.07
C ALA A 394 -8.03 -12.11 -22.34
N PHE A 395 -9.35 -12.13 -22.22
CA PHE A 395 -10.21 -12.38 -23.34
C PHE A 395 -10.89 -11.08 -23.71
N VAL A 396 -10.63 -10.64 -24.93
CA VAL A 396 -11.26 -9.43 -25.44
C VAL A 396 -12.01 -9.95 -26.64
N LYS A 397 -13.29 -9.63 -26.68
CA LYS A 397 -14.17 -10.06 -27.77
C LYS A 397 -13.98 -9.14 -28.99
N GLU A 398 -13.79 -9.71 -30.17
CA GLU A 398 -13.66 -8.92 -31.39
C GLU A 398 -15.07 -8.42 -31.59
N PRO A 399 -15.35 -7.15 -31.27
CA PRO A 399 -16.72 -6.68 -31.44
C PRO A 399 -17.02 -6.44 -32.89
N ILE A 400 -18.30 -6.41 -33.21
CA ILE A 400 -18.70 -6.14 -34.56
C ILE A 400 -18.84 -4.62 -34.57
N PRO A 401 -17.92 -3.93 -35.27
CA PRO A 401 -17.95 -2.47 -35.34
C PRO A 401 -19.32 -2.07 -35.84
N ASN A 402 -20.03 -1.28 -35.03
CA ASN A 402 -21.36 -0.85 -35.39
C ASN A 402 -21.81 0.15 -34.37
N ARG A 403 -23.06 0.53 -34.41
CA ARG A 403 -23.53 1.46 -33.44
C ARG A 403 -24.41 0.67 -32.49
N TYR A 404 -24.50 1.10 -31.24
CA TYR A 404 -25.35 0.42 -30.28
C TYR A 404 -26.17 1.46 -29.54
N LYS A 405 -27.49 1.33 -29.64
CA LYS A 405 -28.37 2.28 -28.98
C LYS A 405 -28.16 2.12 -27.50
N TYR A 406 -29.02 1.35 -26.86
CA TYR A 406 -28.91 1.12 -25.43
C TYR A 406 -27.91 0.00 -25.18
N VAL A 407 -27.15 0.14 -24.09
CA VAL A 407 -26.16 -0.85 -23.70
C VAL A 407 -26.00 -0.81 -22.18
N MET A 408 -25.78 -1.96 -21.58
CA MET A 408 -25.58 -2.11 -20.15
C MET A 408 -24.30 -2.89 -19.99
N SER A 409 -23.38 -2.44 -19.14
CA SER A 409 -22.16 -3.19 -18.92
C SER A 409 -22.20 -3.84 -17.54
N PHE A 410 -21.50 -4.95 -17.40
CA PHE A 410 -21.44 -5.67 -16.15
C PHE A 410 -20.01 -6.01 -16.02
N ASP A 411 -19.37 -5.46 -14.99
CA ASP A 411 -17.96 -5.71 -14.72
C ASP A 411 -17.92 -6.70 -13.58
N LEU A 412 -16.84 -7.46 -13.56
CA LEU A 412 -16.63 -8.49 -12.58
C LEU A 412 -15.73 -7.97 -11.48
N THR A 413 -16.16 -8.16 -10.24
CA THR A 413 -15.43 -7.70 -9.06
C THR A 413 -14.05 -8.33 -8.82
N SER A 414 -13.00 -7.52 -8.99
CA SER A 414 -11.61 -7.95 -8.80
C SER A 414 -11.49 -9.41 -9.14
N LEU A 415 -11.57 -9.69 -10.43
CA LEU A 415 -11.56 -11.06 -10.94
C LEU A 415 -10.35 -11.95 -10.62
N TYR A 416 -9.14 -11.52 -11.00
CA TYR A 416 -7.89 -12.29 -10.86
C TYR A 416 -7.46 -12.58 -9.41
N PRO A 417 -7.85 -11.76 -8.45
CA PRO A 417 -7.59 -12.13 -7.08
C PRO A 417 -8.70 -13.12 -6.65
N SER A 418 -9.93 -12.74 -6.98
CA SER A 418 -11.08 -13.58 -6.70
C SER A 418 -10.89 -14.96 -7.33
N ILE A 419 -10.44 -15.02 -8.57
CA ILE A 419 -10.23 -16.32 -9.19
C ILE A 419 -9.26 -17.13 -8.34
N ILE A 420 -8.21 -16.46 -7.86
CA ILE A 420 -7.21 -17.12 -7.04
C ILE A 420 -7.80 -17.72 -5.77
N ARG A 421 -8.68 -16.97 -5.12
CA ARG A 421 -9.33 -17.40 -3.90
C ARG A 421 -10.27 -18.57 -4.14
N GLN A 422 -11.25 -18.36 -5.04
CA GLN A 422 -12.28 -19.36 -5.40
C GLN A 422 -11.71 -20.71 -5.77
N VAL A 423 -10.67 -20.67 -6.58
CA VAL A 423 -9.97 -21.87 -6.99
C VAL A 423 -9.02 -22.26 -5.85
N ASN A 424 -8.54 -21.27 -5.10
CA ASN A 424 -7.61 -21.50 -3.99
C ASN A 424 -6.26 -21.99 -4.55
N ILE A 425 -5.65 -21.16 -5.37
CA ILE A 425 -4.38 -21.48 -6.02
C ILE A 425 -3.21 -20.95 -5.22
N SER A 426 -2.17 -21.77 -5.08
CA SER A 426 -0.98 -21.39 -4.34
C SER A 426 0.05 -22.46 -4.63
N PRO A 427 1.33 -22.11 -4.56
CA PRO A 427 2.37 -23.10 -4.84
C PRO A 427 2.10 -24.41 -4.16
N GLU A 428 1.73 -24.35 -2.88
CA GLU A 428 1.49 -25.56 -2.08
C GLU A 428 0.11 -26.22 -2.14
N THR A 429 -0.89 -25.49 -2.60
CA THR A 429 -2.23 -26.05 -2.69
C THR A 429 -2.41 -27.01 -3.88
N ILE A 430 -1.43 -27.05 -4.78
CA ILE A 430 -1.50 -27.93 -5.93
C ILE A 430 -1.81 -29.40 -5.58
N ALA A 431 -2.98 -29.89 -6.00
CA ALA A 431 -3.37 -31.26 -5.69
C ALA A 431 -3.08 -32.34 -6.73
N GLY A 432 -3.07 -31.97 -8.01
CA GLY A 432 -2.83 -32.95 -9.05
C GLY A 432 -3.21 -32.40 -10.41
N THR A 433 -3.52 -33.28 -11.37
CA THR A 433 -3.88 -32.84 -12.72
C THR A 433 -4.99 -33.68 -13.32
N PHE A 434 -5.55 -33.24 -14.45
CA PHE A 434 -6.62 -34.01 -15.10
C PHE A 434 -6.68 -33.96 -16.62
N LYS A 435 -7.16 -35.05 -17.23
CA LYS A 435 -7.31 -35.12 -18.67
C LYS A 435 -8.04 -33.85 -19.06
N VAL A 436 -7.30 -32.89 -19.61
CA VAL A 436 -7.88 -31.60 -19.99
C VAL A 436 -8.47 -31.48 -21.40
N ALA A 437 -9.77 -31.20 -21.45
CA ALA A 437 -10.51 -31.03 -22.70
C ALA A 437 -10.37 -29.59 -23.20
N PRO A 438 -10.67 -29.34 -24.49
CA PRO A 438 -10.59 -28.01 -25.13
C PRO A 438 -11.33 -26.91 -24.36
N LEU A 439 -10.62 -25.85 -24.03
CA LEU A 439 -11.19 -24.75 -23.25
C LEU A 439 -12.65 -24.48 -23.52
N HIS A 440 -13.03 -24.47 -24.79
CA HIS A 440 -14.42 -24.19 -25.15
C HIS A 440 -15.38 -25.32 -24.76
N ASP A 441 -14.85 -26.52 -24.57
CA ASP A 441 -15.71 -27.62 -24.18
C ASP A 441 -16.18 -27.42 -22.75
N TYR A 442 -15.34 -26.79 -21.95
CA TYR A 442 -15.69 -26.49 -20.56
C TYR A 442 -16.65 -25.32 -20.58
N ILE A 443 -16.33 -24.35 -21.43
CA ILE A 443 -17.14 -23.15 -21.56
C ILE A 443 -18.59 -23.53 -21.76
N ASN A 444 -18.80 -24.47 -22.68
CA ASN A 444 -20.13 -24.90 -23.01
C ASN A 444 -20.63 -26.06 -22.18
N ALA A 445 -19.97 -26.28 -21.04
CA ALA A 445 -20.36 -27.34 -20.11
C ALA A 445 -20.58 -28.68 -20.81
N VAL A 446 -19.66 -29.05 -21.67
CA VAL A 446 -19.77 -30.30 -22.40
C VAL A 446 -18.71 -31.33 -21.98
N ALA A 447 -17.57 -30.82 -21.52
CA ALA A 447 -16.50 -31.69 -21.05
C ALA A 447 -17.00 -32.24 -19.72
N GLU A 448 -16.38 -33.28 -19.20
CA GLU A 448 -16.86 -33.84 -17.94
C GLU A 448 -16.22 -33.20 -16.73
N ARG A 449 -17.04 -32.86 -15.75
CA ARG A 449 -16.57 -32.26 -14.50
C ARG A 449 -15.13 -32.79 -14.29
N PRO A 450 -14.15 -31.88 -14.18
CA PRO A 450 -12.77 -32.32 -14.01
C PRO A 450 -12.47 -33.18 -12.81
N SER A 451 -13.10 -32.89 -11.67
CA SER A 451 -12.81 -33.66 -10.46
C SER A 451 -14.02 -33.72 -9.56
N ASP A 452 -14.03 -34.72 -8.69
CA ASP A 452 -15.13 -34.89 -7.76
C ASP A 452 -14.67 -34.43 -6.39
N VAL A 453 -13.36 -34.34 -6.21
CA VAL A 453 -12.83 -33.93 -4.91
C VAL A 453 -11.90 -32.72 -4.87
N TYR A 454 -11.40 -32.27 -6.03
CA TYR A 454 -10.51 -31.10 -6.03
C TYR A 454 -11.07 -29.86 -6.75
N SER A 455 -10.59 -28.69 -6.37
CA SER A 455 -10.99 -27.45 -7.00
C SER A 455 -10.17 -27.42 -8.30
N CYS A 456 -10.83 -27.19 -9.43
CA CYS A 456 -10.09 -27.24 -10.71
C CYS A 456 -10.04 -26.01 -11.57
N SER A 457 -9.28 -26.16 -12.65
CA SER A 457 -9.06 -25.11 -13.62
C SER A 457 -9.03 -25.67 -15.06
N PRO A 458 -9.57 -24.91 -16.02
CA PRO A 458 -9.65 -25.23 -17.44
C PRO A 458 -8.34 -25.69 -18.08
N ASN A 459 -7.23 -25.53 -17.36
CA ASN A 459 -5.94 -25.91 -17.89
C ASN A 459 -5.44 -27.27 -17.40
N GLY A 460 -6.11 -27.85 -16.41
CA GLY A 460 -5.70 -29.16 -15.94
C GLY A 460 -5.12 -29.25 -14.55
N MET A 461 -5.13 -28.12 -13.83
CA MET A 461 -4.60 -28.07 -12.48
C MET A 461 -5.65 -28.32 -11.43
N MET A 462 -5.27 -29.10 -10.42
CA MET A 462 -6.19 -29.40 -9.32
C MET A 462 -5.61 -28.84 -8.02
N TYR A 463 -6.49 -28.38 -7.13
CA TYR A 463 -6.05 -27.83 -5.86
C TYR A 463 -6.87 -28.33 -4.67
N TYR A 464 -6.22 -28.38 -3.51
CA TYR A 464 -6.91 -28.86 -2.30
C TYR A 464 -8.06 -27.96 -1.95
N LYS A 465 -9.20 -28.56 -1.62
CA LYS A 465 -10.36 -27.79 -1.24
C LYS A 465 -10.40 -27.54 0.27
N ASP A 466 -10.00 -28.56 1.05
CA ASP A 466 -9.99 -28.47 2.51
C ASP A 466 -8.62 -28.05 3.01
N ARG A 467 -8.21 -26.84 2.68
CA ARG A 467 -6.88 -26.40 3.06
C ARG A 467 -6.63 -25.03 2.48
N ASP A 468 -6.35 -24.05 3.34
CA ASP A 468 -6.06 -22.69 2.89
C ASP A 468 -4.73 -22.53 2.16
N GLY A 469 -4.70 -21.66 1.16
CA GLY A 469 -3.48 -21.45 0.41
C GLY A 469 -2.73 -20.21 0.91
N VAL A 470 -1.41 -20.30 0.92
CA VAL A 470 -0.61 -19.20 1.36
C VAL A 470 -1.05 -17.95 0.64
N VAL A 471 -1.05 -18.00 -0.68
CA VAL A 471 -1.45 -16.82 -1.43
C VAL A 471 -2.89 -16.47 -1.23
N PRO A 472 -3.80 -17.40 -1.52
CA PRO A 472 -5.17 -16.96 -1.30
C PRO A 472 -5.36 -16.29 0.06
N THR A 473 -4.83 -16.94 1.09
CA THR A 473 -4.96 -16.40 2.44
C THR A 473 -4.50 -14.96 2.62
N GLU A 474 -3.38 -14.62 2.01
CA GLU A 474 -2.85 -13.29 2.15
C GLU A 474 -3.69 -12.24 1.43
N ILE A 475 -4.33 -12.62 0.31
CA ILE A 475 -5.17 -11.69 -0.46
C ILE A 475 -6.43 -11.43 0.33
N THR A 476 -6.96 -12.48 0.96
CA THR A 476 -8.18 -12.35 1.75
C THR A 476 -7.84 -11.46 2.94
N LYS A 477 -6.57 -11.49 3.33
CA LYS A 477 -6.11 -10.70 4.44
C LYS A 477 -6.19 -9.26 4.03
N VAL A 478 -5.47 -8.90 2.96
CA VAL A 478 -5.46 -7.54 2.47
C VAL A 478 -6.84 -7.04 2.12
N PHE A 479 -7.65 -7.93 1.55
CA PHE A 479 -9.00 -7.55 1.18
C PHE A 479 -9.81 -7.10 2.40
N ASN A 480 -9.79 -7.90 3.47
CA ASN A 480 -10.50 -7.53 4.68
C ASN A 480 -9.97 -6.23 5.27
N GLN A 481 -8.71 -5.94 4.97
CA GLN A 481 -8.07 -4.74 5.45
C GLN A 481 -8.58 -3.50 4.77
N ARG A 482 -8.95 -3.63 3.50
CA ARG A 482 -9.49 -2.49 2.78
C ARG A 482 -10.89 -2.27 3.33
N LYS A 483 -11.64 -3.35 3.48
CA LYS A 483 -12.97 -3.26 4.02
C LYS A 483 -12.84 -2.56 5.35
N GLU A 484 -11.83 -2.95 6.14
CA GLU A 484 -11.62 -2.36 7.47
C GLU A 484 -11.47 -0.84 7.48
N HIS A 485 -10.38 -0.36 6.88
CA HIS A 485 -10.12 1.09 6.84
C HIS A 485 -11.20 1.90 6.16
N LYS A 486 -11.83 1.35 5.12
CA LYS A 486 -12.86 2.13 4.45
C LYS A 486 -13.93 2.52 5.47
N GLY A 487 -14.20 1.60 6.40
CA GLY A 487 -15.20 1.86 7.42
C GLY A 487 -14.82 3.03 8.27
N TYR A 488 -13.53 3.13 8.58
CA TYR A 488 -13.02 4.21 9.42
C TYR A 488 -13.32 5.47 8.69
N MET A 489 -12.92 5.47 7.43
CA MET A 489 -13.12 6.62 6.55
C MET A 489 -14.57 7.05 6.57
N LEU A 490 -15.47 6.10 6.32
CA LEU A 490 -16.89 6.40 6.31
C LEU A 490 -17.42 6.99 7.62
N ALA A 491 -16.85 6.56 8.74
CA ALA A 491 -17.29 7.03 10.03
C ALA A 491 -16.70 8.40 10.31
N ALA A 492 -15.40 8.52 10.11
CA ALA A 492 -14.74 9.80 10.36
C ALA A 492 -15.57 10.79 9.57
N GLN A 493 -15.87 10.37 8.35
CA GLN A 493 -16.68 11.17 7.44
C GLN A 493 -17.97 11.52 8.14
N ARG A 494 -18.78 10.52 8.44
CA ARG A 494 -20.06 10.72 9.10
C ARG A 494 -19.89 11.55 10.37
N ASN A 495 -18.74 11.44 10.99
CA ASN A 495 -18.50 12.17 12.23
C ASN A 495 -18.32 13.63 11.87
N GLY A 496 -17.45 13.88 10.89
CA GLY A 496 -17.21 15.25 10.45
C GLY A 496 -18.52 15.98 10.23
N GLU A 497 -19.40 15.37 9.47
CA GLU A 497 -20.70 15.96 9.20
C GLU A 497 -21.40 16.33 10.50
N ILE A 498 -21.49 15.39 11.44
CA ILE A 498 -22.14 15.66 12.74
C ILE A 498 -21.54 16.89 13.37
N ILE A 499 -20.26 17.10 13.11
CA ILE A 499 -19.52 18.24 13.62
C ILE A 499 -19.95 19.49 12.86
N LYS A 500 -19.98 19.38 11.54
CA LYS A 500 -20.38 20.48 10.66
C LYS A 500 -21.80 20.98 10.94
N GLU A 501 -22.67 20.06 11.39
CA GLU A 501 -24.04 20.39 11.73
C GLU A 501 -24.02 21.19 13.04
N ALA A 502 -22.99 20.97 13.85
CA ALA A 502 -22.87 21.64 15.13
C ALA A 502 -22.05 22.91 15.06
N LEU A 503 -21.70 23.35 13.85
CA LEU A 503 -20.92 24.58 13.72
C LEU A 503 -21.82 25.82 13.63
N HIS A 504 -23.10 25.61 13.32
CA HIS A 504 -24.05 26.71 13.23
C HIS A 504 -24.50 26.97 14.66
N ASN A 505 -24.28 28.19 15.13
CA ASN A 505 -24.69 28.53 16.49
C ASN A 505 -23.99 27.69 17.55
N PRO A 506 -22.66 27.73 17.58
CA PRO A 506 -21.87 26.97 18.55
C PRO A 506 -21.94 27.69 19.90
N ASN A 507 -21.61 27.01 20.98
CA ASN A 507 -21.64 27.67 22.29
C ASN A 507 -20.54 28.71 22.38
N LEU A 508 -20.87 29.88 22.92
CA LEU A 508 -19.88 30.95 23.04
C LEU A 508 -19.13 30.83 24.37
N SER A 509 -18.15 29.94 24.41
CA SER A 509 -17.36 29.74 25.62
C SER A 509 -15.96 29.31 25.27
N VAL A 510 -15.08 29.31 26.27
CA VAL A 510 -13.69 28.90 26.08
C VAL A 510 -13.54 27.48 26.61
N ASP A 511 -13.22 26.55 25.71
CA ASP A 511 -13.07 25.15 26.08
C ASP A 511 -11.98 24.48 25.25
N GLU A 512 -12.05 23.15 25.16
CA GLU A 512 -11.07 22.39 24.40
C GLU A 512 -11.69 21.26 23.57
N PRO A 513 -11.03 20.86 22.48
CA PRO A 513 -11.50 19.78 21.60
C PRO A 513 -11.43 18.45 22.32
N LEU A 514 -12.46 17.64 22.14
CA LEU A 514 -12.56 16.34 22.80
C LEU A 514 -11.52 15.33 22.33
N ASP A 515 -11.22 14.35 23.19
CA ASP A 515 -10.26 13.31 22.88
C ASP A 515 -11.08 12.09 22.48
N VAL A 516 -11.26 11.89 21.17
CA VAL A 516 -12.08 10.79 20.68
C VAL A 516 -11.53 10.18 19.42
N ASP A 517 -11.93 8.93 19.14
CA ASP A 517 -11.46 8.28 17.93
C ASP A 517 -12.45 8.56 16.83
N TYR A 518 -11.97 9.18 15.77
CA TYR A 518 -12.87 9.53 14.67
C TYR A 518 -13.21 8.37 13.79
N ARG A 519 -12.59 7.22 14.00
CA ARG A 519 -12.86 6.03 13.19
C ARG A 519 -14.15 5.32 13.60
N PHE A 520 -14.84 5.91 14.57
CA PHE A 520 -16.08 5.34 15.10
C PHE A 520 -17.15 6.39 15.38
N ASP A 521 -18.33 6.07 14.89
CA ASP A 521 -19.41 6.99 15.05
C ASP A 521 -19.50 7.43 16.50
N PHE A 522 -19.44 8.74 16.67
CA PHE A 522 -19.54 9.33 17.98
C PHE A 522 -20.73 8.76 18.73
N SER A 523 -20.52 8.46 20.01
CA SER A 523 -21.55 7.90 20.88
C SER A 523 -22.57 8.96 21.16
N ASP A 524 -23.65 8.58 21.83
CA ASP A 524 -24.64 9.55 22.20
C ASP A 524 -23.96 10.51 23.17
N GLU A 525 -23.16 9.95 24.09
CA GLU A 525 -22.45 10.78 25.05
C GLU A 525 -21.22 11.44 24.43
N ILE A 526 -21.35 12.02 23.22
CA ILE A 526 -20.30 12.85 22.56
C ILE A 526 -20.99 13.66 21.51
N LYS A 527 -22.09 13.09 21.02
CA LYS A 527 -22.94 13.81 20.09
C LYS A 527 -23.44 14.98 20.92
N GLU A 528 -23.71 14.72 22.20
CA GLU A 528 -24.17 15.75 23.12
C GLU A 528 -23.00 16.62 23.54
N LYS A 529 -22.00 16.00 24.14
CA LYS A 529 -20.81 16.72 24.57
C LYS A 529 -20.40 17.75 23.50
N ILE A 530 -20.40 17.31 22.24
CA ILE A 530 -20.01 18.15 21.09
C ILE A 530 -20.81 19.44 20.88
N LYS A 531 -22.12 19.39 21.07
CA LYS A 531 -22.96 20.56 20.89
C LYS A 531 -22.49 21.67 21.82
N LYS A 532 -22.58 21.43 23.13
CA LYS A 532 -22.14 22.41 24.11
C LYS A 532 -20.77 22.94 23.71
N LEU A 533 -20.00 22.10 23.01
CA LEU A 533 -18.66 22.47 22.59
C LEU A 533 -18.55 23.85 21.96
N SER A 534 -17.40 24.50 22.15
CA SER A 534 -17.15 25.81 21.60
C SER A 534 -16.64 25.68 20.16
N ALA A 535 -16.87 26.71 19.37
CA ALA A 535 -16.61 26.79 17.94
C ALA A 535 -15.15 26.84 17.47
N LYS A 536 -14.26 26.85 18.41
CA LYS A 536 -12.83 26.87 18.18
C LYS A 536 -12.32 25.43 18.29
N SER A 537 -13.06 24.64 19.05
CA SER A 537 -12.71 23.24 19.25
C SER A 537 -13.35 22.39 18.15
N LEU A 538 -14.60 22.70 17.80
CA LEU A 538 -15.30 21.96 16.75
C LEU A 538 -14.49 22.04 15.46
N ASN A 539 -14.17 23.26 15.04
CA ASN A 539 -13.38 23.46 13.83
C ASN A 539 -12.10 22.66 13.95
N GLU A 540 -11.59 22.56 15.16
CA GLU A 540 -10.39 21.80 15.40
C GLU A 540 -10.71 20.33 15.19
N MET A 541 -11.85 19.90 15.74
CA MET A 541 -12.27 18.51 15.61
C MET A 541 -12.53 18.18 14.15
N LEU A 542 -13.29 19.02 13.47
CA LEU A 542 -13.58 18.76 12.06
C LEU A 542 -12.31 18.59 11.25
N PHE A 543 -11.24 19.25 11.66
CA PHE A 543 -9.99 19.11 10.94
C PHE A 543 -9.54 17.70 11.21
N ARG A 544 -9.55 17.33 12.50
CA ARG A 544 -9.14 16.02 12.94
C ARG A 544 -9.97 14.94 12.29
N ALA A 545 -11.27 15.17 12.17
CA ALA A 545 -12.14 14.18 11.53
C ALA A 545 -11.58 13.93 10.13
N GLN A 546 -11.34 15.03 9.41
CA GLN A 546 -10.82 14.98 8.05
C GLN A 546 -9.44 14.36 8.00
N ARG A 547 -8.59 14.77 8.92
CA ARG A 547 -7.24 14.23 9.01
C ARG A 547 -7.40 12.71 9.04
N THR A 548 -8.53 12.25 9.60
CA THR A 548 -8.83 10.83 9.70
C THR A 548 -9.41 10.28 8.41
N GLU A 549 -10.61 10.75 8.07
CA GLU A 549 -11.26 10.30 6.85
C GLU A 549 -10.20 10.17 5.78
N VAL A 550 -9.36 11.17 5.66
CA VAL A 550 -8.33 11.14 4.63
C VAL A 550 -7.25 10.06 4.85
N ALA A 551 -6.83 9.90 6.10
CA ALA A 551 -5.82 8.90 6.42
C ALA A 551 -6.42 7.53 6.13
N GLY A 552 -7.73 7.44 6.31
CA GLY A 552 -8.45 6.21 6.04
C GLY A 552 -8.42 5.89 4.56
N MET A 553 -8.76 6.90 3.75
CA MET A 553 -8.75 6.76 2.30
C MET A 553 -7.45 6.13 1.82
N THR A 554 -6.39 6.90 1.93
CA THR A 554 -5.06 6.46 1.52
C THR A 554 -4.82 5.04 1.97
N ALA A 555 -4.97 4.82 3.28
CA ALA A 555 -4.73 3.52 3.89
C ALA A 555 -5.51 2.41 3.24
N GLN A 556 -6.61 2.74 2.57
CA GLN A 556 -7.40 1.69 1.92
C GLN A 556 -7.28 1.67 0.40
N ILE A 557 -6.69 2.72 -0.14
CA ILE A 557 -6.45 2.78 -1.57
C ILE A 557 -5.25 1.85 -1.80
N ASN A 558 -4.27 1.91 -0.90
CA ASN A 558 -3.06 1.07 -1.00
C ASN A 558 -3.40 -0.40 -0.95
N ARG A 559 -4.34 -0.76 -0.09
CA ARG A 559 -4.77 -2.14 0.03
C ARG A 559 -5.34 -2.53 -1.33
N LYS A 560 -5.93 -1.55 -2.02
CA LYS A 560 -6.48 -1.80 -3.35
C LYS A 560 -5.35 -2.06 -4.33
N LEU A 561 -4.50 -1.06 -4.53
CA LEU A 561 -3.38 -1.19 -5.43
C LEU A 561 -2.62 -2.46 -5.14
N LEU A 562 -2.63 -2.84 -3.86
CA LEU A 562 -1.94 -4.05 -3.43
C LEU A 562 -2.61 -5.24 -4.08
N ILE A 563 -3.93 -5.27 -4.05
CA ILE A 563 -4.71 -6.37 -4.64
C ILE A 563 -4.60 -6.39 -6.16
N ASN A 564 -4.69 -5.21 -6.77
CA ASN A 564 -4.62 -5.10 -8.22
C ASN A 564 -3.27 -5.43 -8.79
N SER A 565 -2.27 -5.60 -7.94
CA SER A 565 -0.93 -5.89 -8.44
C SER A 565 -0.44 -7.31 -8.16
N LEU A 566 -1.12 -8.02 -7.26
CA LEU A 566 -0.67 -9.36 -6.90
C LEU A 566 -0.50 -10.28 -8.10
N TYR A 567 -1.48 -10.30 -9.00
CA TYR A 567 -1.42 -11.15 -10.18
C TYR A 567 -0.24 -10.73 -11.05
N GLY A 568 0.05 -9.43 -10.97
CA GLY A 568 1.13 -8.85 -11.74
C GLY A 568 2.46 -9.38 -11.30
N ALA A 569 2.45 -10.11 -10.18
CA ALA A 569 3.66 -10.70 -9.61
C ALA A 569 3.56 -12.19 -9.74
N LEU A 570 2.44 -12.73 -9.29
CA LEU A 570 2.20 -14.16 -9.35
C LEU A 570 2.50 -14.76 -10.73
N GLY A 571 2.49 -13.89 -11.74
CA GLY A 571 2.76 -14.34 -13.10
C GLY A 571 4.18 -14.00 -13.53
N ASN A 572 4.90 -13.37 -12.61
CA ASN A 572 6.29 -12.97 -12.82
C ASN A 572 7.29 -13.98 -12.24
N VAL A 573 8.27 -14.36 -13.05
CA VAL A 573 9.27 -15.33 -12.64
C VAL A 573 10.13 -14.92 -11.46
N TRP A 574 10.44 -13.63 -11.39
CA TRP A 574 11.24 -13.13 -10.30
C TRP A 574 10.53 -13.27 -8.94
N PHE A 575 9.25 -13.55 -8.95
CA PHE A 575 8.49 -13.68 -7.72
C PHE A 575 8.66 -15.00 -7.05
N ARG A 576 9.13 -15.00 -5.83
CA ARG A 576 9.33 -16.24 -5.09
C ARG A 576 8.27 -17.30 -5.33
N TYR A 577 7.02 -16.88 -5.30
CA TYR A 577 5.89 -17.79 -5.44
C TYR A 577 5.38 -18.02 -6.82
N TYR A 578 6.07 -17.46 -7.83
CA TYR A 578 5.70 -17.66 -9.21
C TYR A 578 5.67 -19.15 -9.57
N ASP A 579 4.81 -19.50 -10.52
CA ASP A 579 4.69 -20.86 -11.03
C ASP A 579 3.82 -20.83 -12.25
N LEU A 580 4.37 -21.28 -13.37
CA LEU A 580 3.63 -21.34 -14.62
C LEU A 580 2.30 -22.08 -14.47
N ARG A 581 2.36 -23.33 -14.02
CA ARG A 581 1.14 -24.12 -13.82
C ARG A 581 0.04 -23.28 -13.18
N ASN A 582 0.42 -22.40 -12.28
CA ASN A 582 -0.55 -21.57 -11.60
C ASN A 582 -0.76 -20.22 -12.26
N ALA A 583 0.21 -19.75 -13.03
CA ALA A 583 0.07 -18.45 -13.70
C ALA A 583 -1.01 -18.64 -14.71
N THR A 584 -0.86 -19.73 -15.45
CA THR A 584 -1.80 -20.11 -16.46
C THR A 584 -3.13 -20.44 -15.83
N ALA A 585 -3.15 -21.41 -14.92
CA ALA A 585 -4.39 -21.79 -14.23
C ALA A 585 -5.29 -20.58 -13.97
N ILE A 586 -4.72 -19.54 -13.37
CA ILE A 586 -5.46 -18.33 -13.06
C ILE A 586 -6.05 -17.73 -14.31
N THR A 587 -5.21 -17.35 -15.27
CA THR A 587 -5.73 -16.72 -16.47
C THR A 587 -6.68 -17.59 -17.27
N THR A 588 -6.23 -18.74 -17.74
CA THR A 588 -7.15 -19.57 -18.52
C THR A 588 -8.47 -19.81 -17.80
N PHE A 589 -8.53 -19.59 -16.50
CA PHE A 589 -9.77 -19.79 -15.79
C PHE A 589 -10.57 -18.57 -16.08
N GLY A 590 -9.95 -17.41 -15.89
CA GLY A 590 -10.62 -16.16 -16.14
C GLY A 590 -11.10 -16.14 -17.56
N GLN A 591 -10.45 -16.94 -18.41
CA GLN A 591 -10.83 -17.02 -19.79
C GLN A 591 -12.14 -17.76 -19.85
N MET A 592 -12.15 -18.99 -19.35
CA MET A 592 -13.38 -19.76 -19.34
C MET A 592 -14.49 -18.99 -18.67
N ALA A 593 -14.18 -18.32 -17.59
CA ALA A 593 -15.17 -17.57 -16.85
C ALA A 593 -15.91 -16.50 -17.64
N LEU A 594 -15.18 -15.71 -18.43
CA LEU A 594 -15.83 -14.64 -19.19
C LEU A 594 -16.71 -15.19 -20.30
N GLN A 595 -16.16 -16.12 -21.07
CA GLN A 595 -16.90 -16.72 -22.15
C GLN A 595 -18.11 -17.51 -21.67
N TRP A 596 -18.04 -18.01 -20.44
CA TRP A 596 -19.12 -18.77 -19.86
C TRP A 596 -20.28 -17.86 -19.53
N ILE A 597 -20.00 -16.75 -18.89
CA ILE A 597 -21.07 -15.85 -18.54
C ILE A 597 -21.63 -15.24 -19.81
N GLU A 598 -20.76 -15.07 -20.82
CA GLU A 598 -21.18 -14.53 -22.12
C GLU A 598 -22.33 -15.42 -22.57
N ARG A 599 -22.06 -16.73 -22.58
CA ARG A 599 -23.08 -17.72 -22.93
C ARG A 599 -24.31 -17.48 -22.06
N LYS A 600 -24.25 -17.96 -20.83
CA LYS A 600 -25.33 -17.81 -19.88
C LYS A 600 -26.13 -16.53 -20.03
N VAL A 601 -25.45 -15.43 -20.35
CA VAL A 601 -26.18 -14.19 -20.51
C VAL A 601 -27.04 -14.29 -21.75
N ASN A 602 -26.39 -14.48 -22.91
CA ASN A 602 -27.10 -14.60 -24.17
C ASN A 602 -28.25 -15.57 -23.99
N GLU A 603 -27.93 -16.75 -23.47
CA GLU A 603 -28.95 -17.75 -23.18
C GLU A 603 -30.11 -17.13 -22.42
N TYR A 604 -29.86 -16.57 -21.25
CA TYR A 604 -30.97 -16.02 -20.50
C TYR A 604 -31.68 -14.91 -21.21
N LEU A 605 -30.92 -14.00 -21.81
CA LEU A 605 -31.51 -12.88 -22.51
C LEU A 605 -32.35 -13.32 -23.70
N ASN A 606 -31.88 -14.31 -24.45
CA ASN A 606 -32.66 -14.80 -25.59
C ASN A 606 -34.02 -15.16 -25.05
N GLU A 607 -34.06 -16.17 -24.18
CA GLU A 607 -35.28 -16.63 -23.55
C GLU A 607 -36.22 -15.46 -23.24
N VAL A 608 -35.85 -14.67 -22.25
CA VAL A 608 -36.66 -13.53 -21.85
C VAL A 608 -37.22 -12.78 -23.06
N CYS A 609 -36.39 -12.58 -24.08
CA CYS A 609 -36.83 -11.87 -25.29
C CYS A 609 -37.52 -12.78 -26.32
N GLY A 610 -37.84 -14.00 -25.92
CA GLY A 610 -38.50 -14.93 -26.83
C GLY A 610 -37.88 -15.11 -28.20
N THR A 611 -36.63 -15.56 -28.24
CA THR A 611 -35.96 -15.78 -29.52
C THR A 611 -34.83 -16.78 -29.27
N GLU A 612 -33.93 -16.92 -30.24
CA GLU A 612 -32.85 -17.88 -30.08
C GLU A 612 -31.73 -17.70 -31.10
N GLY A 613 -30.51 -17.50 -30.58
CA GLY A 613 -29.36 -17.35 -31.45
C GLY A 613 -28.80 -15.93 -31.45
N GLU A 614 -29.63 -14.99 -31.01
CA GLU A 614 -29.25 -13.58 -30.96
C GLU A 614 -28.16 -13.38 -29.91
N ALA A 615 -27.07 -12.71 -30.30
CA ALA A 615 -25.98 -12.46 -29.37
C ALA A 615 -26.14 -11.09 -28.71
N PHE A 616 -26.80 -11.07 -27.56
CA PHE A 616 -27.03 -9.84 -26.82
C PHE A 616 -25.79 -9.21 -26.23
N VAL A 617 -24.77 -10.05 -26.02
CA VAL A 617 -23.54 -9.56 -25.43
C VAL A 617 -22.67 -9.09 -26.59
N LEU A 618 -22.55 -7.78 -26.74
CA LEU A 618 -21.79 -7.22 -27.84
C LEU A 618 -20.27 -7.31 -27.66
N TYR A 619 -19.80 -7.59 -26.46
CA TYR A 619 -18.37 -7.69 -26.37
C TYR A 619 -17.81 -7.38 -24.99
N GLY A 620 -16.86 -8.18 -24.53
CA GLY A 620 -16.29 -7.93 -23.24
C GLY A 620 -14.78 -7.81 -23.36
N ASP A 621 -14.19 -7.19 -22.35
CA ASP A 621 -12.74 -7.03 -22.27
C ASP A 621 -12.31 -7.46 -20.89
N THR A 622 -11.55 -8.55 -20.89
CA THR A 622 -11.25 -9.14 -19.62
C THR A 622 -12.54 -8.94 -18.83
N ASP A 623 -12.45 -8.91 -17.51
CA ASP A 623 -13.51 -8.85 -16.50
C ASP A 623 -14.92 -8.26 -16.72
N SER A 624 -15.14 -7.39 -17.70
CA SER A 624 -16.47 -6.83 -17.94
C SER A 624 -16.95 -7.18 -19.34
N ILE A 625 -18.26 -7.14 -19.50
CA ILE A 625 -18.92 -7.43 -20.78
C ILE A 625 -19.97 -6.33 -20.98
N TYR A 626 -20.29 -6.07 -22.24
CA TYR A 626 -21.29 -5.07 -22.55
C TYR A 626 -22.45 -5.75 -23.24
N VAL A 627 -23.64 -5.47 -22.74
CA VAL A 627 -24.85 -6.09 -23.24
C VAL A 627 -25.78 -5.12 -23.95
N SER A 628 -26.16 -5.48 -25.17
CA SER A 628 -27.07 -4.63 -25.90
C SER A 628 -28.46 -4.92 -25.37
N ALA A 629 -29.11 -3.91 -24.82
CA ALA A 629 -30.43 -4.09 -24.23
C ALA A 629 -31.53 -3.44 -25.04
N ASP A 630 -31.32 -3.36 -26.35
CA ASP A 630 -32.29 -2.77 -27.28
C ASP A 630 -33.58 -3.59 -27.28
N LYS A 631 -33.47 -4.89 -27.55
CA LYS A 631 -34.66 -5.75 -27.60
C LYS A 631 -35.47 -5.72 -26.33
N ILE A 632 -34.80 -5.55 -25.19
CA ILE A 632 -35.51 -5.50 -23.91
C ILE A 632 -36.21 -4.16 -23.83
N ILE A 633 -35.62 -3.16 -24.46
CA ILE A 633 -36.24 -1.85 -24.45
C ILE A 633 -37.55 -1.99 -25.22
N ASP A 634 -37.46 -2.39 -26.49
CA ASP A 634 -38.63 -2.56 -27.34
C ASP A 634 -39.76 -3.36 -26.68
N LYS A 635 -39.40 -4.40 -25.94
CA LYS A 635 -40.38 -5.22 -25.23
C LYS A 635 -41.38 -4.30 -24.48
N VAL A 636 -40.94 -3.12 -24.11
CA VAL A 636 -41.82 -2.17 -23.43
C VAL A 636 -42.20 -1.15 -24.50
N GLY A 637 -41.36 -1.08 -25.52
CA GLY A 637 -41.58 -0.16 -26.61
C GLY A 637 -41.15 1.25 -26.27
N GLU A 638 -40.19 1.75 -27.04
CA GLU A 638 -39.66 3.10 -26.88
C GLU A 638 -40.71 4.12 -26.45
N SER A 639 -41.75 4.26 -27.27
CA SER A 639 -42.81 5.22 -27.01
C SER A 639 -43.69 4.71 -25.87
N LYS A 640 -43.38 5.18 -24.69
CA LYS A 640 -44.11 4.82 -23.49
C LYS A 640 -43.40 5.46 -22.28
N PHE A 641 -42.11 5.79 -22.49
CA PHE A 641 -41.30 6.29 -21.39
C PHE A 641 -41.41 7.79 -21.13
N ARG A 642 -41.93 8.13 -19.95
CA ARG A 642 -42.08 9.53 -19.54
C ARG A 642 -40.91 10.39 -20.02
N ASP A 643 -39.69 9.94 -19.74
CA ASP A 643 -38.50 10.68 -20.15
C ASP A 643 -37.32 9.75 -20.27
N THR A 644 -36.12 10.26 -20.01
CA THR A 644 -34.91 9.47 -20.10
C THR A 644 -34.62 8.69 -18.81
N ASN A 645 -34.93 9.31 -17.69
CA ASN A 645 -34.71 8.66 -16.41
C ASN A 645 -35.57 7.42 -16.36
N HIS A 646 -36.82 7.55 -16.75
CA HIS A 646 -37.76 6.43 -16.74
C HIS A 646 -37.13 5.16 -17.33
N TRP A 647 -36.60 5.28 -18.54
CA TRP A 647 -35.97 4.16 -19.23
C TRP A 647 -34.82 3.61 -18.38
N VAL A 648 -33.94 4.51 -17.96
CA VAL A 648 -32.81 4.12 -17.12
C VAL A 648 -33.30 3.36 -15.88
N ASP A 649 -34.33 3.87 -15.20
CA ASP A 649 -34.85 3.18 -14.02
C ASP A 649 -35.19 1.78 -14.45
N PHE A 650 -35.99 1.69 -15.51
CA PHE A 650 -36.45 0.43 -16.09
C PHE A 650 -35.27 -0.53 -16.32
N LEU A 651 -34.28 -0.06 -17.06
CA LEU A 651 -33.12 -0.88 -17.35
C LEU A 651 -32.29 -1.22 -16.10
N ASP A 652 -32.45 -0.42 -15.05
CA ASP A 652 -31.74 -0.68 -13.81
C ASP A 652 -32.58 -1.65 -13.01
N LYS A 653 -33.87 -1.37 -12.90
CA LYS A 653 -34.80 -2.27 -12.23
C LYS A 653 -34.50 -3.67 -12.77
N PHE A 654 -34.61 -3.77 -14.11
CA PHE A 654 -34.21 -4.98 -14.78
C PHE A 654 -32.72 -5.04 -14.52
N ALA A 655 -32.13 -6.23 -14.35
CA ALA A 655 -30.67 -6.32 -14.21
C ALA A 655 -30.21 -5.98 -12.83
N ARG A 656 -31.15 -5.65 -11.99
CA ARG A 656 -30.86 -5.48 -10.60
C ARG A 656 -31.70 -6.59 -10.04
N GLU A 657 -32.86 -6.72 -10.68
CA GLU A 657 -33.82 -7.75 -10.26
C GLU A 657 -33.87 -9.00 -11.15
N ARG A 658 -33.57 -8.85 -12.43
CA ARG A 658 -33.68 -10.01 -13.38
C ARG A 658 -32.35 -10.58 -13.88
N MET A 659 -31.39 -9.73 -14.23
CA MET A 659 -30.11 -10.21 -14.76
C MET A 659 -29.10 -10.71 -13.75
N GLU A 660 -28.66 -9.84 -12.85
CA GLU A 660 -27.67 -10.25 -11.87
C GLU A 660 -28.00 -11.61 -11.28
N PRO A 661 -29.28 -11.85 -10.93
CA PRO A 661 -29.66 -13.14 -10.36
C PRO A 661 -29.49 -14.27 -11.36
N ALA A 662 -29.73 -13.96 -12.63
CA ALA A 662 -29.57 -14.96 -13.68
C ALA A 662 -28.08 -15.16 -13.85
N ILE A 663 -27.32 -14.10 -13.60
CA ILE A 663 -25.87 -14.12 -13.74
C ILE A 663 -25.17 -14.91 -12.66
N ASP A 664 -25.71 -14.87 -11.45
CA ASP A 664 -25.10 -15.59 -10.34
C ASP A 664 -25.33 -17.09 -10.42
N ARG A 665 -26.56 -17.49 -10.77
CA ARG A 665 -26.90 -18.90 -10.93
C ARG A 665 -25.98 -19.38 -12.04
N GLY A 666 -25.61 -18.47 -12.92
CA GLY A 666 -24.73 -18.80 -14.01
C GLY A 666 -23.37 -19.16 -13.49
N PHE A 667 -22.85 -18.31 -12.59
CA PHE A 667 -21.53 -18.51 -12.02
C PHE A 667 -21.53 -19.58 -10.95
N ARG A 668 -22.59 -19.60 -10.14
CA ARG A 668 -22.69 -20.62 -9.10
C ARG A 668 -22.48 -21.99 -9.72
N GLU A 669 -23.09 -22.21 -10.88
CA GLU A 669 -22.96 -23.49 -11.56
C GLU A 669 -21.52 -23.71 -11.95
N MET A 670 -20.90 -22.67 -12.52
CA MET A 670 -19.51 -22.79 -12.95
C MET A 670 -18.65 -23.14 -11.76
N CYS A 671 -18.98 -22.56 -10.60
CA CYS A 671 -18.22 -22.87 -9.40
C CYS A 671 -18.31 -24.38 -9.27
N GLU A 672 -19.53 -24.90 -9.16
CA GLU A 672 -19.76 -26.34 -9.04
C GLU A 672 -19.19 -27.23 -10.16
N TYR A 673 -19.23 -26.73 -11.40
CA TYR A 673 -18.71 -27.50 -12.51
C TYR A 673 -17.23 -27.76 -12.28
N MET A 674 -16.51 -26.69 -11.93
CA MET A 674 -15.08 -26.75 -11.66
C MET A 674 -14.82 -27.18 -10.22
N ASN A 675 -15.88 -27.62 -9.56
CA ASN A 675 -15.81 -28.08 -8.18
C ASN A 675 -14.94 -27.18 -7.32
N ASN A 676 -15.06 -25.87 -7.55
CA ASN A 676 -14.29 -24.87 -6.80
C ASN A 676 -14.48 -24.94 -5.30
N LYS A 677 -13.67 -24.16 -4.58
CA LYS A 677 -13.72 -24.14 -3.13
C LYS A 677 -14.85 -23.27 -2.64
N GLN A 678 -14.94 -22.05 -3.16
CA GLN A 678 -16.00 -21.16 -2.76
C GLN A 678 -16.35 -20.16 -3.85
N HIS A 679 -17.63 -20.09 -4.16
CA HIS A 679 -18.07 -19.21 -5.22
C HIS A 679 -17.83 -17.75 -4.87
N LEU A 680 -16.94 -17.13 -5.64
CA LEU A 680 -16.61 -15.74 -5.47
C LEU A 680 -16.64 -14.90 -6.75
N MET A 681 -17.23 -15.42 -7.83
CA MET A 681 -17.35 -14.70 -9.12
C MET A 681 -18.56 -13.78 -9.03
N PHE A 682 -18.33 -12.51 -8.74
CA PHE A 682 -19.45 -11.60 -8.56
C PHE A 682 -19.55 -10.48 -9.60
N MET A 683 -20.31 -10.72 -10.66
CA MET A 683 -20.52 -9.74 -11.73
C MET A 683 -21.68 -8.85 -11.38
N ASP A 684 -21.49 -7.54 -11.51
CA ASP A 684 -22.57 -6.59 -11.19
C ASP A 684 -22.72 -5.50 -12.23
N ARG A 685 -23.94 -4.99 -12.36
CA ARG A 685 -24.16 -3.97 -13.36
C ARG A 685 -23.20 -2.86 -13.10
N GLU A 686 -22.72 -2.25 -14.19
CA GLU A 686 -21.76 -1.16 -14.14
C GLU A 686 -22.42 0.09 -14.69
N ALA A 687 -22.24 0.33 -15.98
CA ALA A 687 -22.80 1.49 -16.67
C ALA A 687 -23.99 1.20 -17.59
N ILE A 688 -25.01 2.04 -17.49
CA ILE A 688 -26.22 1.99 -18.33
C ILE A 688 -26.07 3.15 -19.34
N ALA A 689 -25.97 2.85 -20.62
CA ALA A 689 -25.77 3.89 -21.62
C ALA A 689 -26.73 3.88 -22.82
N GLY A 690 -27.09 5.08 -23.28
CA GLY A 690 -27.97 5.18 -24.43
C GLY A 690 -28.19 6.61 -24.88
N PRO A 691 -29.02 6.83 -25.91
CA PRO A 691 -29.31 8.16 -26.44
C PRO A 691 -30.50 8.77 -25.71
N PRO A 692 -30.45 10.08 -25.42
CA PRO A 692 -31.52 10.81 -24.72
C PRO A 692 -32.85 10.41 -25.31
N LEU A 693 -33.93 10.48 -24.54
CA LEU A 693 -35.22 10.07 -25.08
C LEU A 693 -35.80 11.08 -26.06
N GLY A 694 -36.16 10.59 -27.25
CA GLY A 694 -36.72 11.46 -28.25
C GLY A 694 -35.61 12.03 -29.12
N SER A 695 -34.38 11.60 -28.85
CA SER A 695 -33.22 12.06 -29.59
C SER A 695 -32.86 11.17 -30.79
N LYS A 696 -32.34 11.78 -31.84
CA LYS A 696 -31.95 10.99 -32.99
C LYS A 696 -30.48 10.61 -32.79
N GLY A 697 -30.13 10.46 -31.51
CA GLY A 697 -28.78 10.10 -31.14
C GLY A 697 -28.54 8.63 -31.41
N ILE A 698 -27.31 8.28 -31.75
CA ILE A 698 -26.98 6.89 -32.04
C ILE A 698 -26.88 6.09 -30.75
N GLY A 699 -26.60 6.78 -29.64
CA GLY A 699 -26.49 6.12 -28.34
C GLY A 699 -25.05 5.83 -27.91
N GLY A 700 -24.39 4.98 -28.67
CA GLY A 700 -23.02 4.64 -28.38
C GLY A 700 -22.54 3.75 -29.51
N PHE A 701 -21.24 3.76 -29.79
CA PHE A 701 -20.71 2.91 -30.84
C PHE A 701 -19.37 2.27 -30.46
N TRP A 702 -18.97 1.27 -31.25
CA TRP A 702 -17.72 0.53 -31.06
C TRP A 702 -17.05 0.45 -32.41
N THR A 703 -15.75 0.68 -32.46
CA THR A 703 -15.09 0.61 -33.75
C THR A 703 -14.05 -0.47 -33.69
N GLY A 704 -13.76 -0.93 -32.48
CA GLY A 704 -12.78 -1.98 -32.28
C GLY A 704 -12.63 -2.41 -30.83
N LYS A 705 -11.62 -3.23 -30.57
CA LYS A 705 -11.34 -3.72 -29.22
C LYS A 705 -10.80 -2.57 -28.41
N LYS A 706 -11.41 -2.30 -27.26
CA LYS A 706 -10.95 -1.21 -26.42
C LYS A 706 -10.95 0.11 -27.24
N ARG A 707 -11.93 0.24 -28.13
CA ARG A 707 -12.05 1.42 -28.97
C ARG A 707 -13.54 1.75 -29.16
N TYR A 708 -14.07 2.64 -28.33
CA TYR A 708 -15.47 3.00 -28.44
C TYR A 708 -15.84 4.21 -27.59
N ALA A 709 -17.14 4.39 -27.39
CA ALA A 709 -17.66 5.49 -26.62
C ALA A 709 -19.11 5.18 -26.28
N LEU A 710 -19.60 5.68 -25.15
CA LEU A 710 -20.98 5.45 -24.77
C LEU A 710 -21.56 6.68 -24.12
N ASN A 711 -22.88 6.76 -24.07
CA ASN A 711 -23.52 7.89 -23.44
C ASN A 711 -24.02 7.33 -22.13
N VAL A 712 -23.19 7.42 -21.10
CA VAL A 712 -23.52 6.87 -19.78
C VAL A 712 -24.40 7.74 -18.91
N TRP A 713 -25.51 7.16 -18.45
CA TRP A 713 -26.48 7.87 -17.61
C TRP A 713 -26.52 7.42 -16.18
N ASP A 714 -25.61 6.54 -15.79
CA ASP A 714 -25.65 6.02 -14.44
C ASP A 714 -24.54 5.01 -14.26
N MET A 715 -23.70 5.22 -13.25
CA MET A 715 -22.60 4.30 -13.03
C MET A 715 -22.62 3.76 -11.62
N GLU A 716 -22.79 2.45 -11.52
CA GLU A 716 -22.85 1.76 -10.25
C GLU A 716 -23.82 2.48 -9.33
N GLY A 717 -25.10 2.39 -9.67
CA GLY A 717 -26.15 3.00 -8.87
C GLY A 717 -26.30 4.51 -8.91
N THR A 718 -25.21 5.24 -9.12
CA THR A 718 -25.30 6.70 -9.15
C THR A 718 -25.77 7.26 -10.51
N ARG A 719 -26.93 7.89 -10.50
CA ARG A 719 -27.54 8.47 -11.70
C ARG A 719 -27.00 9.87 -11.91
N TYR A 720 -26.51 10.15 -13.12
CA TYR A 720 -25.98 11.46 -13.44
C TYR A 720 -27.08 12.38 -13.93
N ALA A 721 -26.89 13.69 -13.77
CA ALA A 721 -27.87 14.65 -14.24
C ALA A 721 -27.57 14.85 -15.72
N GLU A 722 -26.34 15.26 -15.99
CA GLU A 722 -25.88 15.48 -17.35
C GLU A 722 -25.08 14.25 -17.72
N PRO A 723 -25.50 13.54 -18.78
CA PRO A 723 -24.82 12.32 -19.24
C PRO A 723 -23.31 12.47 -19.21
N LYS A 724 -22.62 11.33 -19.27
CA LYS A 724 -21.17 11.32 -19.28
C LYS A 724 -20.74 10.60 -20.55
N LEU A 725 -19.75 11.13 -21.23
CA LEU A 725 -19.28 10.50 -22.46
C LEU A 725 -18.06 9.59 -22.29
N LYS A 726 -18.25 8.35 -21.82
CA LYS A 726 -17.11 7.45 -21.67
C LYS A 726 -16.52 7.22 -23.06
N ILE A 727 -15.24 7.53 -23.25
CA ILE A 727 -14.62 7.37 -24.56
C ILE A 727 -13.32 6.56 -24.51
N MET A 728 -13.44 5.27 -24.76
CA MET A 728 -12.32 4.34 -24.68
C MET A 728 -11.34 4.22 -25.87
N GLY A 729 -10.30 5.03 -25.84
CA GLY A 729 -9.28 4.96 -26.89
C GLY A 729 -9.60 5.21 -28.35
N LEU A 730 -10.09 6.40 -28.68
CA LEU A 730 -10.42 6.74 -30.05
C LEU A 730 -9.42 7.74 -30.62
N GLU A 731 -8.30 7.91 -29.92
CA GLU A 731 -7.25 8.84 -30.35
C GLU A 731 -7.71 10.28 -30.47
N THR A 732 -8.22 10.84 -29.38
CA THR A 732 -8.70 12.22 -29.37
C THR A 732 -7.64 13.20 -28.91
N GLN A 733 -7.37 13.22 -27.61
CA GLN A 733 -6.38 14.13 -27.06
C GLN A 733 -4.96 13.82 -27.55
N LYS A 734 -4.85 12.98 -28.57
CA LYS A 734 -3.56 12.61 -29.16
C LYS A 734 -2.52 13.72 -28.98
N SER A 735 -1.32 13.36 -28.54
CA SER A 735 -0.27 14.33 -28.30
C SER A 735 0.11 15.18 -29.53
N SER A 736 -0.30 14.73 -30.71
CA SER A 736 0.01 15.46 -31.94
C SER A 736 -1.18 16.15 -32.61
N THR A 737 -2.29 16.23 -31.88
CA THR A 737 -3.51 16.87 -32.40
C THR A 737 -3.83 18.14 -31.62
N PRO A 738 -3.95 19.28 -32.32
CA PRO A 738 -4.25 20.56 -31.67
C PRO A 738 -5.49 20.54 -30.79
N LYS A 739 -5.34 21.03 -29.56
CA LYS A 739 -6.45 21.06 -28.61
C LYS A 739 -7.75 21.53 -29.26
N ALA A 740 -7.64 22.49 -30.17
CA ALA A 740 -8.80 23.02 -30.87
C ALA A 740 -9.47 21.84 -31.58
N VAL A 741 -8.68 21.14 -32.39
CA VAL A 741 -9.18 19.97 -33.13
C VAL A 741 -9.65 18.91 -32.14
N GLN A 742 -8.84 18.66 -31.11
CA GLN A 742 -9.20 17.67 -30.10
C GLN A 742 -10.66 17.87 -29.70
N LYS A 743 -10.93 19.00 -29.07
CA LYS A 743 -12.27 19.34 -28.61
C LYS A 743 -13.37 19.12 -29.63
N ALA A 744 -13.07 19.35 -30.91
CA ALA A 744 -14.06 19.15 -31.95
C ALA A 744 -14.46 17.70 -31.95
N LEU A 745 -13.47 16.83 -32.14
CA LEU A 745 -13.71 15.40 -32.15
C LEU A 745 -14.58 15.03 -30.96
N LYS A 746 -14.24 15.54 -29.77
CA LYS A 746 -15.03 15.23 -28.60
C LYS A 746 -16.48 15.62 -28.86
N GLU A 747 -16.69 16.84 -29.36
CA GLU A 747 -18.04 17.32 -29.67
C GLU A 747 -18.68 16.39 -30.71
N CYS A 748 -17.94 16.07 -31.77
CA CYS A 748 -18.45 15.19 -32.80
C CYS A 748 -19.07 13.96 -32.16
N ILE A 749 -18.29 13.27 -31.33
CA ILE A 749 -18.77 12.06 -30.66
C ILE A 749 -19.99 12.37 -29.80
N ARG A 750 -19.91 13.40 -28.98
CA ARG A 750 -21.03 13.77 -28.15
C ARG A 750 -22.30 13.77 -29.01
N ARG A 751 -22.31 14.66 -30.01
CA ARG A 751 -23.45 14.87 -30.93
C ARG A 751 -23.94 13.62 -31.63
N MET A 752 -23.02 12.77 -32.04
CA MET A 752 -23.40 11.52 -32.67
C MET A 752 -24.24 10.79 -31.62
N LEU A 753 -23.60 10.48 -30.50
CA LEU A 753 -24.23 9.75 -29.38
C LEU A 753 -25.51 10.42 -28.96
N GLN A 754 -25.46 11.72 -28.83
CA GLN A 754 -26.64 12.49 -28.56
C GLN A 754 -26.89 13.36 -29.79
N GLU A 755 -28.15 13.61 -30.13
CA GLU A 755 -28.60 14.48 -31.23
C GLU A 755 -28.35 14.01 -32.70
N GLY A 756 -27.82 12.80 -32.96
CA GLY A 756 -27.80 12.23 -34.32
C GLY A 756 -26.90 12.68 -35.48
N GLU A 757 -27.08 12.00 -36.63
CA GLU A 757 -26.29 12.23 -37.84
C GLU A 757 -26.51 13.62 -38.40
N GLU A 758 -27.70 14.16 -38.21
CA GLU A 758 -27.99 15.51 -38.67
C GLU A 758 -27.04 16.43 -37.92
N SER A 759 -27.25 16.56 -36.62
CA SER A 759 -26.42 17.42 -35.78
C SER A 759 -24.94 17.30 -36.07
N LEU A 760 -24.44 16.07 -36.16
CA LEU A 760 -23.02 15.87 -36.44
C LEU A 760 -22.67 16.65 -37.70
N GLN A 761 -23.49 16.48 -38.73
CA GLN A 761 -23.26 17.15 -40.00
C GLN A 761 -23.24 18.67 -39.88
N GLU A 762 -24.04 19.22 -38.98
CA GLU A 762 -24.05 20.66 -38.77
C GLU A 762 -22.73 21.09 -38.14
N TYR A 763 -22.43 20.49 -37.01
CA TYR A 763 -21.21 20.87 -36.37
C TYR A 763 -20.02 20.61 -37.28
N PHE A 764 -19.99 19.51 -37.97
CA PHE A 764 -18.86 19.25 -38.84
C PHE A 764 -18.65 20.43 -39.78
N LYS A 765 -19.75 21.12 -40.09
CA LYS A 765 -19.69 22.29 -40.98
C LYS A 765 -19.11 23.49 -40.25
N GLU A 766 -19.71 23.83 -39.11
CA GLU A 766 -19.21 24.96 -38.32
C GLU A 766 -17.70 24.87 -38.14
N PHE A 767 -17.23 23.74 -37.61
CA PHE A 767 -15.82 23.57 -37.35
C PHE A 767 -14.95 23.63 -38.60
N GLU A 768 -15.51 23.33 -39.76
CA GLU A 768 -14.68 23.38 -40.98
C GLU A 768 -14.28 24.82 -41.24
N LYS A 769 -15.18 25.75 -40.93
CA LYS A 769 -14.96 27.19 -41.09
C LYS A 769 -14.15 27.63 -39.88
N GLU A 770 -14.65 27.27 -38.71
CA GLU A 770 -14.02 27.59 -37.44
C GLU A 770 -12.54 27.23 -37.48
N PHE A 771 -12.17 26.34 -38.40
CA PHE A 771 -10.79 25.90 -38.54
C PHE A 771 -10.03 26.75 -39.57
N ARG A 772 -10.68 27.00 -40.71
CA ARG A 772 -10.10 27.78 -41.79
C ARG A 772 -9.46 29.08 -41.33
N GLN A 773 -9.84 29.57 -40.15
CA GLN A 773 -9.28 30.83 -39.66
C GLN A 773 -8.82 30.74 -38.20
N LEU A 774 -7.75 29.97 -37.96
CA LEU A 774 -7.22 29.82 -36.61
C LEU A 774 -5.97 30.64 -36.35
N ASN A 775 -4.96 30.03 -35.74
CA ASN A 775 -3.72 30.74 -35.42
C ASN A 775 -2.56 30.38 -36.35
N TYR A 776 -1.46 31.07 -36.14
CA TYR A 776 -0.21 30.88 -36.88
C TYR A 776 0.32 29.47 -36.70
N ILE A 777 1.01 29.27 -35.59
CA ILE A 777 1.62 27.99 -35.29
C ILE A 777 0.54 26.91 -35.08
N SER A 778 0.07 26.84 -33.84
CA SER A 778 -0.89 25.88 -33.28
C SER A 778 -1.28 24.70 -34.19
N ILE A 779 -1.80 24.95 -35.41
CA ILE A 779 -2.19 23.87 -36.34
C ILE A 779 -0.94 23.23 -36.93
N ALA A 780 0.18 23.96 -36.87
CA ALA A 780 1.46 23.53 -37.41
C ALA A 780 1.99 22.21 -36.87
N SER A 781 2.52 21.39 -37.78
CA SER A 781 3.11 20.12 -37.39
C SER A 781 4.38 20.47 -36.65
N VAL A 782 5.09 19.49 -36.13
CA VAL A 782 6.34 19.88 -35.51
C VAL A 782 7.27 18.67 -35.45
N SER A 783 8.44 18.83 -36.04
CA SER A 783 9.50 17.82 -36.03
C SER A 783 10.81 18.60 -35.96
N SER A 784 11.95 17.99 -36.29
CA SER A 784 13.28 18.66 -36.31
C SER A 784 14.40 17.64 -36.69
N ALA A 785 15.63 18.14 -36.88
CA ALA A 785 16.73 17.24 -37.25
C ALA A 785 17.95 17.56 -36.38
N ASN A 786 18.45 18.77 -36.50
CA ASN A 786 19.58 19.17 -35.66
C ASN A 786 19.46 20.64 -35.34
N ASN A 787 19.08 21.45 -36.31
CA ASN A 787 18.92 22.86 -36.12
C ASN A 787 18.14 23.38 -37.31
N ILE A 788 17.88 24.70 -37.39
CA ILE A 788 17.19 25.26 -38.55
C ILE A 788 18.04 26.39 -39.11
N ALA A 789 17.69 26.81 -40.33
CA ALA A 789 18.39 27.89 -41.02
C ALA A 789 18.62 29.12 -40.14
N LYS A 790 19.44 30.03 -40.64
CA LYS A 790 19.77 31.26 -39.93
C LYS A 790 18.61 32.24 -39.99
N PRO A 849 10.35 27.72 -31.56
CA PRO A 849 9.91 27.45 -32.94
C PRO A 849 11.06 26.92 -33.78
N SER A 850 11.09 27.00 -35.13
CA SER A 850 12.26 26.47 -35.86
C SER A 850 12.33 27.10 -37.26
N GLY A 851 11.17 27.29 -37.88
CA GLY A 851 11.14 27.88 -39.18
C GLY A 851 10.25 29.12 -39.25
N THR A 852 9.03 29.08 -38.70
CA THR A 852 8.07 30.20 -38.80
C THR A 852 8.39 31.52 -38.11
N GLU A 853 8.64 31.44 -36.79
CA GLU A 853 8.75 32.64 -36.01
C GLU A 853 8.08 33.72 -36.83
N ILE A 854 8.68 34.06 -37.94
CA ILE A 854 8.17 35.13 -38.75
C ILE A 854 9.35 35.94 -39.13
N THR A 855 9.33 36.34 -40.37
CA THR A 855 10.37 37.16 -40.87
C THR A 855 9.67 38.29 -41.62
N ASP A 856 8.39 38.14 -41.95
CA ASP A 856 7.69 39.22 -42.63
C ASP A 856 8.18 39.40 -44.06
N LEU A 857 8.77 38.34 -44.56
CA LEU A 857 9.20 38.25 -45.94
C LEU A 857 8.34 37.15 -46.55
N ILE A 858 8.37 36.02 -45.85
CA ILE A 858 7.66 34.82 -46.27
C ILE A 858 6.27 34.69 -45.67
N LYS A 859 6.01 35.41 -44.58
CA LYS A 859 4.70 35.35 -43.93
C LYS A 859 3.60 35.60 -44.95
N ASP A 860 3.52 36.83 -45.47
CA ASP A 860 2.49 37.19 -46.45
C ASP A 860 2.15 36.03 -47.38
N ASP A 861 3.19 35.41 -47.94
CA ASP A 861 3.01 34.30 -48.87
C ASP A 861 2.56 33.00 -48.19
N VAL A 862 3.01 32.79 -46.96
CA VAL A 862 2.66 31.59 -46.21
C VAL A 862 1.21 31.66 -45.72
N LEU A 863 0.88 32.75 -45.03
CA LEU A 863 -0.47 32.98 -44.52
C LEU A 863 -1.44 33.29 -45.65
N HIS A 864 -1.31 32.54 -46.73
CA HIS A 864 -2.16 32.71 -47.91
C HIS A 864 -1.98 31.49 -48.81
N TRP A 865 -0.94 30.71 -48.53
CA TRP A 865 -0.66 29.50 -49.30
C TRP A 865 -0.59 28.27 -48.40
N MET A 866 -0.85 28.43 -47.09
CA MET A 866 -0.86 27.23 -46.25
C MET A 866 -1.81 26.30 -46.93
N ASP A 867 -2.81 25.79 -46.21
CA ASP A 867 -3.82 24.97 -46.89
C ASP A 867 -4.55 24.01 -45.98
N TYR A 868 -5.34 24.57 -45.11
CA TYR A 868 -6.16 23.83 -44.18
C TYR A 868 -6.84 22.62 -44.82
N THR A 869 -7.10 22.68 -46.13
CA THR A 869 -7.70 21.55 -46.77
C THR A 869 -6.99 20.26 -46.35
N VAL A 870 -5.68 20.23 -46.51
CA VAL A 870 -4.90 19.06 -46.13
C VAL A 870 -4.64 19.10 -44.63
N LEU A 871 -4.40 20.30 -44.11
CA LEU A 871 -4.13 20.46 -42.69
C LEU A 871 -5.37 20.17 -41.83
N LEU A 872 -6.40 19.59 -42.43
CA LEU A 872 -7.64 19.25 -41.71
C LEU A 872 -8.03 17.82 -42.02
N GLU A 873 -8.20 17.51 -43.29
CA GLU A 873 -8.57 16.16 -43.72
C GLU A 873 -7.36 15.27 -43.50
N LYS A 874 -6.56 15.61 -42.49
CA LYS A 874 -5.36 14.88 -42.16
C LYS A 874 -5.24 14.72 -40.65
N THR A 875 -5.82 15.67 -39.92
CA THR A 875 -5.84 15.59 -38.46
C THR A 875 -7.19 15.97 -37.81
N PHE A 876 -8.25 15.44 -38.42
CA PHE A 876 -9.64 15.49 -37.91
C PHE A 876 -10.50 14.62 -38.75
N ILE A 877 -10.45 14.84 -40.05
CA ILE A 877 -11.28 14.07 -40.98
C ILE A 877 -10.89 12.60 -40.96
N LYS A 878 -9.59 12.32 -41.01
CA LYS A 878 -9.09 10.95 -40.96
C LYS A 878 -9.68 10.30 -39.69
N PRO A 879 -9.50 10.96 -38.53
CA PRO A 879 -10.02 10.44 -37.27
C PRO A 879 -11.51 10.17 -37.40
N LEU A 880 -12.26 11.26 -37.60
CA LEU A 880 -13.71 11.22 -37.73
C LEU A 880 -14.22 10.10 -38.63
N GLU A 881 -13.60 9.98 -39.79
CA GLU A 881 -13.96 8.94 -40.76
C GLU A 881 -14.17 7.60 -40.05
N GLY A 882 -13.19 7.19 -39.24
CA GLY A 882 -13.29 5.93 -38.54
C GLY A 882 -14.46 5.81 -37.59
N PHE A 883 -14.76 6.86 -36.85
CA PHE A 883 -15.86 6.78 -35.92
C PHE A 883 -17.19 6.68 -36.67
N THR A 884 -17.36 7.58 -37.63
CA THR A 884 -18.61 7.62 -38.40
C THR A 884 -18.86 6.41 -39.27
N SER A 885 -17.82 5.85 -39.86
CA SER A 885 -18.01 4.69 -40.72
C SER A 885 -18.54 3.54 -39.89
N ALA A 886 -17.92 3.32 -38.74
CA ALA A 886 -18.31 2.23 -37.85
C ALA A 886 -19.70 2.47 -37.27
N ALA A 887 -20.01 3.73 -36.98
CA ALA A 887 -21.29 4.08 -36.42
C ALA A 887 -22.35 4.00 -37.51
N LYS A 888 -21.89 3.96 -38.76
CA LYS A 888 -22.76 3.92 -39.95
C LYS A 888 -23.49 5.26 -40.11
N LEU A 889 -22.69 6.31 -40.36
CA LEU A 889 -23.17 7.68 -40.55
C LEU A 889 -22.17 8.39 -41.43
N ASP A 890 -22.48 9.64 -41.77
CA ASP A 890 -21.59 10.46 -42.56
C ASP A 890 -21.46 11.81 -41.88
N TYR A 891 -20.25 12.37 -41.90
CA TYR A 891 -20.04 13.66 -41.25
C TYR A 891 -20.55 14.81 -42.11
N GLU A 892 -20.68 14.56 -43.40
CA GLU A 892 -21.22 15.55 -44.31
C GLU A 892 -22.12 14.85 -45.32
N LYS A 893 -23.40 15.24 -45.27
CA LYS A 893 -24.45 14.70 -46.13
C LYS A 893 -23.91 14.22 -47.46
N LYS A 894 -23.83 12.90 -47.59
CA LYS A 894 -23.34 12.23 -48.79
C LYS A 894 -24.35 12.42 -49.91
N ALA A 895 -23.86 12.68 -51.10
CA ALA A 895 -24.76 12.85 -52.22
C ALA A 895 -25.51 11.53 -52.35
N SER A 896 -26.77 11.52 -51.96
CA SER A 896 -27.59 10.31 -52.05
C SER A 896 -27.42 9.66 -53.42
N LEU A 897 -27.96 8.47 -53.60
CA LEU A 897 -27.84 7.80 -54.88
C LEU A 897 -29.13 7.12 -55.33
N PHE A 898 -29.53 6.10 -54.57
CA PHE A 898 -30.74 5.36 -54.89
C PHE A 898 -31.96 6.25 -55.12
N ASP A 899 -31.97 7.42 -54.49
CA ASP A 899 -33.08 8.35 -54.64
C ASP A 899 -33.46 8.52 -56.10
N MET A 900 -32.47 8.57 -56.99
CA MET A 900 -32.72 8.74 -58.41
C MET A 900 -33.58 7.63 -58.99
N PHE A 901 -33.83 6.61 -58.17
CA PHE A 901 -34.64 5.48 -58.59
C PHE A 901 -36.08 5.78 -58.16
N ASP A 902 -36.37 7.07 -57.98
CA ASP A 902 -37.68 7.53 -57.55
C ASP A 902 -38.84 6.65 -58.01
N PHE A 903 -39.67 6.24 -57.05
CA PHE A 903 -40.84 5.41 -57.31
C PHE A 903 -42.10 6.01 -56.66
N LYS B 13 -1.90 -21.30 51.44
CA LYS B 13 -1.20 -20.10 52.00
C LYS B 13 -0.50 -20.42 53.33
N LEU B 14 -0.12 -19.37 54.06
CA LEU B 14 0.61 -19.50 55.31
C LEU B 14 -0.01 -18.81 56.53
N LYS B 15 -0.10 -19.51 57.65
CA LYS B 15 -0.66 -18.94 58.89
C LYS B 15 0.54 -18.72 59.79
N LEU B 16 0.32 -18.14 60.97
CA LEU B 16 1.42 -17.89 61.90
C LEU B 16 1.12 -18.26 63.35
N ASP B 17 2.17 -18.66 64.07
CA ASP B 17 2.06 -19.07 65.47
C ASP B 17 1.67 -17.92 66.38
N ALA B 18 1.00 -16.91 65.85
CA ALA B 18 0.60 -15.75 66.66
C ALA B 18 1.86 -15.29 67.39
N SER B 19 3.01 -15.57 66.77
CA SER B 19 4.31 -15.22 67.32
C SER B 19 5.27 -14.78 66.23
N GLY B 20 5.08 -15.33 65.03
CA GLY B 20 5.93 -15.00 63.91
C GLY B 20 6.58 -16.21 63.25
N ASN B 21 6.36 -17.37 63.85
CA ASN B 21 6.90 -18.62 63.32
C ASN B 21 5.77 -19.31 62.58
N GLY B 22 5.81 -20.65 62.53
CA GLY B 22 4.78 -21.39 61.83
C GLY B 22 5.33 -22.65 61.20
N GLN B 23 4.51 -23.68 61.14
CA GLN B 23 4.95 -24.95 60.57
C GLN B 23 3.90 -25.60 59.71
N ALA B 24 4.36 -26.47 58.82
CA ALA B 24 3.47 -27.21 57.93
C ALA B 24 4.30 -27.99 56.94
N VAL B 25 3.71 -29.04 56.40
CA VAL B 25 4.41 -29.87 55.44
C VAL B 25 3.68 -29.83 54.14
N ILE B 26 4.36 -29.37 53.09
CA ILE B 26 3.77 -29.25 51.76
C ILE B 26 4.46 -30.08 50.68
N ARG B 27 3.68 -30.56 49.73
CA ARG B 27 4.20 -31.35 48.62
C ARG B 27 3.64 -30.80 47.31
N PHE B 28 4.53 -30.52 46.37
CA PHE B 28 4.16 -29.96 45.07
C PHE B 28 3.74 -31.09 44.13
N LEU B 29 2.53 -30.98 43.58
CA LEU B 29 2.03 -31.99 42.68
C LEU B 29 2.39 -31.76 41.20
N PRO B 30 2.99 -32.78 40.56
CA PRO B 30 3.40 -32.73 39.16
C PRO B 30 2.35 -33.27 38.20
N ALA B 31 2.32 -32.73 36.99
CA ALA B 31 1.37 -33.16 35.96
C ALA B 31 1.97 -34.34 35.21
N LYS B 32 1.13 -35.23 34.68
CA LYS B 32 1.59 -36.40 33.95
C LYS B 32 2.54 -36.01 32.80
N THR B 33 1.96 -35.83 31.62
CA THR B 33 2.72 -35.45 30.42
C THR B 33 1.74 -34.87 29.41
N ASP B 34 2.28 -34.19 28.40
CA ASP B 34 1.42 -33.59 27.38
C ASP B 34 0.49 -32.57 28.02
N ASP B 35 0.64 -32.38 29.33
CA ASP B 35 -0.18 -31.44 30.08
C ASP B 35 0.70 -30.32 30.63
N ALA B 36 0.07 -29.21 31.00
CA ALA B 36 0.78 -28.08 31.56
C ALA B 36 1.69 -28.57 32.69
N LEU B 37 2.99 -28.43 32.48
CA LEU B 37 3.99 -28.85 33.46
C LEU B 37 3.62 -28.38 34.87
N PRO B 38 4.24 -28.95 35.92
CA PRO B 38 3.96 -28.58 37.31
C PRO B 38 4.53 -27.24 37.76
N PHE B 39 4.94 -26.41 36.80
CA PHE B 39 5.49 -25.09 37.11
C PHE B 39 5.09 -24.01 36.10
N ALA B 40 4.33 -23.04 36.58
CA ALA B 40 3.88 -21.92 35.77
C ALA B 40 4.62 -20.71 36.29
N ILE B 41 5.10 -19.86 35.38
CA ILE B 41 5.84 -18.68 35.79
C ILE B 41 5.11 -17.41 35.38
N LEU B 42 4.86 -16.53 36.34
CA LEU B 42 4.17 -15.27 36.07
C LEU B 42 4.88 -14.13 36.81
N VAL B 43 5.04 -13.01 36.12
CA VAL B 43 5.71 -11.84 36.68
C VAL B 43 4.72 -10.70 36.80
N ASN B 44 4.97 -9.78 37.72
CA ASN B 44 4.07 -8.68 37.86
C ASN B 44 4.67 -7.54 38.64
N HIS B 45 3.88 -6.48 38.75
CA HIS B 45 4.36 -5.28 39.44
C HIS B 45 3.50 -5.05 40.69
N GLY B 46 3.95 -4.17 41.61
CA GLY B 46 3.14 -3.89 42.82
C GLY B 46 3.51 -2.65 43.64
N PHE B 47 2.67 -1.58 43.59
CA PHE B 47 2.84 -0.30 44.34
C PHE B 47 1.53 0.49 44.55
N LYS B 48 1.51 1.32 45.58
CA LYS B 48 0.33 2.14 45.89
C LYS B 48 0.72 3.54 46.40
N LYS B 49 0.29 4.56 45.70
CA LYS B 49 0.51 5.93 46.08
C LYS B 49 -0.67 6.75 45.62
N ASN B 50 -1.29 7.58 46.51
CA ASN B 50 -2.45 8.36 46.04
C ASN B 50 -3.65 7.44 45.96
N GLY B 51 -3.56 6.35 46.72
CA GLY B 51 -4.60 5.32 46.74
C GLY B 51 -4.51 4.42 45.50
N LYS B 52 -3.55 4.70 44.63
CA LYS B 52 -3.36 3.94 43.38
C LYS B 52 -2.57 2.65 43.59
N TRP B 53 -3.27 1.65 44.10
CA TRP B 53 -2.59 0.40 44.19
C TRP B 53 -2.60 -0.10 42.80
N TYR B 54 -1.42 -0.18 42.27
CA TYR B 54 -1.24 -0.70 40.96
C TYR B 54 -0.48 -1.99 41.04
N ILE B 55 -1.15 -3.08 40.65
CA ILE B 55 -0.59 -4.44 40.70
C ILE B 55 -1.03 -5.19 39.42
N GLU B 56 -0.15 -5.27 38.40
CA GLU B 56 -0.58 -5.91 37.15
C GLU B 56 0.48 -6.84 36.57
N THR B 57 0.01 -7.97 36.09
CA THR B 57 1.00 -8.81 35.48
C THR B 57 1.91 -7.91 34.71
N CYS B 58 3.11 -8.41 34.61
CA CYS B 58 4.11 -7.78 33.84
C CYS B 58 4.28 -8.70 32.62
N SER B 59 4.53 -8.06 31.49
CA SER B 59 4.72 -8.75 30.22
C SER B 59 6.15 -9.30 30.13
N SER B 60 6.94 -9.07 31.18
CA SER B 60 8.32 -9.56 31.21
C SER B 60 8.33 -11.08 31.11
N THR B 61 7.14 -11.67 31.19
CA THR B 61 7.00 -13.12 31.09
C THR B 61 7.20 -13.50 29.63
N HIS B 62 6.81 -12.58 28.74
CA HIS B 62 6.95 -12.79 27.31
C HIS B 62 8.06 -11.90 26.76
N GLY B 63 8.24 -11.92 25.44
CA GLY B 63 9.27 -11.11 24.82
C GLY B 63 8.86 -9.65 24.75
N ASP B 64 8.09 -9.23 25.75
CA ASP B 64 7.61 -7.87 25.83
C ASP B 64 8.64 -6.95 26.46
N TYR B 65 8.57 -6.76 27.76
CA TYR B 65 9.48 -5.91 28.50
C TYR B 65 9.43 -4.45 28.06
N ASP B 66 8.53 -4.13 27.12
CA ASP B 66 8.41 -2.71 26.71
C ASP B 66 6.94 -2.30 26.59
N SER B 67 6.10 -3.20 26.06
CA SER B 67 4.69 -2.93 25.95
C SER B 67 4.14 -2.90 27.35
N CYS B 68 5.00 -3.37 28.27
CA CYS B 68 4.73 -3.37 29.69
C CYS B 68 5.17 -1.99 30.14
N PRO B 69 4.20 -1.09 30.39
CA PRO B 69 4.40 0.30 30.82
C PRO B 69 5.28 0.57 32.03
N VAL B 70 5.29 -0.34 33.00
CA VAL B 70 6.11 -0.16 34.19
C VAL B 70 7.59 -0.27 33.82
N CYS B 71 7.99 -1.41 33.27
CA CYS B 71 9.39 -1.62 32.87
C CYS B 71 9.88 -0.44 32.03
N GLN B 72 9.01 0.01 31.12
CA GLN B 72 9.34 1.12 30.24
C GLN B 72 9.52 2.40 31.05
N TYR B 73 8.59 2.64 31.98
CA TYR B 73 8.64 3.81 32.85
C TYR B 73 9.89 3.72 33.73
N ILE B 74 10.26 2.50 34.09
CA ILE B 74 11.42 2.21 34.94
C ILE B 74 12.76 2.53 34.26
N SER B 75 12.85 2.19 32.98
CA SER B 75 14.06 2.43 32.20
C SER B 75 14.20 3.88 31.78
N LYS B 76 13.12 4.44 31.28
CA LYS B 76 13.08 5.82 30.81
C LYS B 76 13.55 6.87 31.82
N ASN B 77 13.20 6.70 33.08
CA ASN B 77 13.66 7.57 34.12
C ASN B 77 14.57 6.80 35.05
N ASP B 78 15.09 5.70 34.48
CA ASP B 78 16.01 4.75 35.08
C ASP B 78 16.05 4.70 36.62
N LEU B 79 15.05 5.21 37.32
CA LEU B 79 14.97 5.29 38.81
C LEU B 79 15.96 4.50 39.71
N TYR B 80 16.45 3.34 39.29
CA TYR B 80 17.37 2.57 40.12
C TYR B 80 18.54 3.45 40.57
N ASN B 81 18.83 4.49 39.79
CA ASN B 81 19.93 5.41 40.10
C ASN B 81 19.50 6.80 40.59
N THR B 82 18.28 7.25 40.24
CA THR B 82 17.79 8.60 40.66
C THR B 82 16.65 8.57 41.68
N ASN B 83 16.29 7.40 42.20
CA ASN B 83 15.29 7.22 43.28
C ASN B 83 15.12 5.74 43.52
N LYS B 84 16.08 5.13 44.20
CA LYS B 84 15.99 3.69 44.49
C LYS B 84 14.70 3.31 45.25
N THR B 85 14.20 4.18 46.12
CA THR B 85 12.97 3.90 46.91
C THR B 85 11.83 3.52 45.97
N GLU B 86 11.67 4.31 44.91
CA GLU B 86 10.61 4.09 43.92
C GLU B 86 10.81 2.78 43.16
N TYR B 87 12.03 2.55 42.67
CA TYR B 87 12.33 1.33 41.92
C TYR B 87 11.91 0.09 42.69
N SER B 88 12.35 0.01 43.95
CA SER B 88 12.03 -1.13 44.80
C SER B 88 10.54 -1.43 44.76
N GLN B 89 9.73 -0.38 44.76
CA GLN B 89 8.26 -0.50 44.75
C GLN B 89 7.68 -0.98 43.44
N LEU B 90 8.30 -0.62 42.32
CA LEU B 90 7.76 -1.01 41.01
C LEU B 90 8.57 -2.02 40.24
N LYS B 91 9.60 -2.58 40.86
CA LYS B 91 10.42 -3.59 40.19
C LYS B 91 9.52 -4.77 39.91
N ARG B 92 9.86 -5.55 38.89
CA ARG B 92 9.07 -6.71 38.54
C ARG B 92 9.30 -7.86 39.51
N LYS B 93 8.22 -8.54 39.88
CA LYS B 93 8.33 -9.66 40.82
C LYS B 93 7.80 -10.96 40.23
N THR B 94 8.63 -12.00 40.30
CA THR B 94 8.26 -13.31 39.80
C THR B 94 7.70 -14.13 40.93
N SER B 95 6.72 -14.96 40.62
CA SER B 95 6.09 -15.80 41.63
C SER B 95 5.85 -17.19 41.07
N TYR B 96 6.83 -18.07 41.22
CA TYR B 96 6.67 -19.42 40.74
C TYR B 96 5.37 -20.00 41.30
N TRP B 97 4.40 -20.24 40.43
CA TRP B 97 3.12 -20.81 40.84
C TRP B 97 3.12 -22.30 40.57
N ALA B 98 2.75 -23.07 41.58
CA ALA B 98 2.70 -24.51 41.45
C ALA B 98 1.63 -25.13 42.33
N ASN B 99 1.00 -26.19 41.83
CA ASN B 99 -0.03 -26.91 42.56
C ASN B 99 0.63 -27.67 43.71
N ILE B 100 0.03 -27.65 44.90
CA ILE B 100 0.61 -28.37 46.03
C ILE B 100 -0.39 -29.30 46.71
N LEU B 101 0.07 -29.92 47.79
CA LEU B 101 -0.74 -30.85 48.56
C LEU B 101 -0.42 -30.71 50.05
N VAL B 102 -1.15 -29.86 50.76
CA VAL B 102 -0.90 -29.68 52.17
C VAL B 102 -0.94 -31.04 52.89
N VAL B 103 0.16 -31.38 53.56
CA VAL B 103 0.27 -32.65 54.28
C VAL B 103 -0.20 -32.47 55.71
N LYS B 104 0.49 -31.59 56.41
CA LYS B 104 0.19 -31.29 57.80
C LYS B 104 0.03 -29.79 57.93
N ASP B 105 -0.80 -29.36 58.86
CA ASP B 105 -1.02 -27.93 59.05
C ASP B 105 -1.66 -27.69 60.40
N PRO B 106 -0.86 -27.74 61.47
CA PRO B 106 -1.36 -27.55 62.82
C PRO B 106 -2.20 -26.30 63.06
N GLN B 107 -1.93 -25.22 62.32
CA GLN B 107 -2.69 -24.00 62.54
C GLN B 107 -3.99 -23.89 61.76
N ALA B 108 -4.16 -24.73 60.74
CA ALA B 108 -5.38 -24.72 59.94
C ALA B 108 -5.49 -26.10 59.35
N PRO B 109 -5.65 -27.10 60.22
CA PRO B 109 -5.78 -28.52 59.89
C PRO B 109 -6.76 -28.85 58.78
N ASP B 110 -7.79 -28.02 58.63
CA ASP B 110 -8.78 -28.25 57.59
C ASP B 110 -8.15 -28.48 56.21
N ASN B 111 -7.05 -27.79 55.92
CA ASN B 111 -6.38 -27.93 54.64
C ASN B 111 -5.72 -29.28 54.45
N GLU B 112 -5.63 -30.05 55.53
CA GLU B 112 -4.99 -31.35 55.48
C GLU B 112 -5.54 -32.11 54.29
N GLY B 113 -4.65 -32.81 53.59
CA GLY B 113 -5.04 -33.61 52.43
C GLY B 113 -5.56 -32.87 51.23
N LYS B 114 -6.21 -31.73 51.46
CA LYS B 114 -6.76 -30.94 50.38
C LYS B 114 -5.71 -30.35 49.44
N VAL B 115 -6.10 -30.22 48.18
CA VAL B 115 -5.23 -29.70 47.13
C VAL B 115 -5.39 -28.18 46.99
N PHE B 116 -4.28 -27.47 46.87
CA PHE B 116 -4.34 -26.03 46.72
C PHE B 116 -3.27 -25.51 45.77
N LYS B 117 -3.05 -24.20 45.84
CA LYS B 117 -2.05 -23.50 45.03
C LYS B 117 -1.18 -22.70 45.99
N TYR B 118 0.10 -22.59 45.68
CA TYR B 118 1.01 -21.87 46.55
C TYR B 118 1.87 -20.91 45.76
N ARG B 119 1.82 -19.64 46.16
CA ARG B 119 2.63 -18.62 45.51
C ARG B 119 3.97 -18.56 46.27
N PHE B 120 5.04 -19.01 45.62
CA PHE B 120 6.36 -19.00 46.24
C PHE B 120 7.42 -18.43 45.30
N GLY B 121 8.10 -17.37 45.76
CA GLY B 121 9.13 -16.73 44.97
C GLY B 121 10.42 -17.54 44.89
N LYS B 122 11.52 -16.86 44.55
CA LYS B 122 12.83 -17.49 44.40
C LYS B 122 13.22 -18.61 45.37
N LYS B 123 13.70 -18.22 46.56
CA LYS B 123 14.14 -19.14 47.62
C LYS B 123 13.75 -20.61 47.48
N ILE B 124 12.49 -20.93 47.82
CA ILE B 124 11.97 -22.30 47.75
C ILE B 124 12.20 -23.02 46.42
N TRP B 125 11.93 -22.33 45.31
CA TRP B 125 12.14 -22.95 44.00
C TRP B 125 13.58 -23.47 43.91
N ASP B 126 14.53 -22.58 44.18
CA ASP B 126 15.95 -22.90 44.14
C ASP B 126 16.27 -24.09 45.05
N LYS B 127 15.25 -24.65 45.67
CA LYS B 127 15.43 -25.81 46.55
C LYS B 127 15.22 -27.16 45.87
N ILE B 128 14.39 -27.24 44.84
CA ILE B 128 14.23 -28.52 44.13
C ILE B 128 15.52 -28.70 43.36
N ASN B 129 16.13 -27.57 43.02
CA ASN B 129 17.39 -27.48 42.27
C ASN B 129 18.42 -28.45 42.86
N ALA B 130 18.91 -28.09 44.05
CA ALA B 130 19.90 -28.89 44.78
C ALA B 130 19.23 -30.10 45.44
N MET B 131 18.49 -30.85 44.64
CA MET B 131 17.78 -32.05 45.10
C MET B 131 18.00 -33.14 44.06
N ILE B 132 19.09 -33.00 43.31
CA ILE B 132 19.45 -33.95 42.26
C ILE B 132 20.95 -34.21 42.28
N ALA B 133 21.48 -34.66 41.15
CA ALA B 133 22.90 -34.96 41.04
C ALA B 133 23.74 -33.72 41.30
N VAL B 134 23.81 -32.84 40.31
CA VAL B 134 24.60 -31.61 40.32
C VAL B 134 24.59 -30.78 41.59
N ASP B 135 25.44 -31.14 42.59
CA ASP B 135 25.65 -30.39 43.86
C ASP B 135 26.93 -30.81 44.58
N THR B 136 27.43 -31.99 44.28
CA THR B 136 28.68 -32.50 44.87
C THR B 136 29.05 -33.78 44.12
N GLU B 137 30.33 -33.96 43.82
CA GLU B 137 30.68 -35.17 43.13
C GLU B 137 31.09 -36.28 44.12
N MET B 138 32.36 -36.67 43.96
CA MET B 138 33.12 -37.67 44.72
C MET B 138 32.25 -38.77 45.38
N GLY B 139 31.37 -38.40 46.27
CA GLY B 139 30.57 -39.42 46.95
C GLY B 139 29.17 -39.62 46.33
N GLU B 140 28.84 -38.68 45.47
CA GLU B 140 27.58 -38.55 44.78
C GLU B 140 26.57 -37.95 45.73
N THR B 141 25.35 -37.65 45.22
CA THR B 141 24.23 -37.06 45.95
C THR B 141 22.94 -37.67 45.41
N PRO B 142 21.75 -37.34 46.03
CA PRO B 142 20.40 -37.85 45.61
C PRO B 142 19.90 -37.41 44.22
N VAL B 143 18.84 -38.11 43.72
CA VAL B 143 18.25 -38.06 42.32
C VAL B 143 17.13 -37.05 41.89
N ASP B 144 15.89 -37.24 42.32
CA ASP B 144 14.81 -36.35 41.92
C ASP B 144 13.67 -36.25 42.94
N VAL B 145 12.70 -35.43 42.54
CA VAL B 145 11.48 -35.16 43.30
C VAL B 145 10.56 -34.16 42.63
N THR B 146 9.27 -34.32 43.07
CA THR B 146 8.00 -33.64 42.72
C THR B 146 7.14 -34.59 41.91
N CYS B 147 7.42 -35.86 41.87
CA CYS B 147 6.50 -36.72 41.16
C CYS B 147 5.82 -37.64 42.21
N PRO B 148 4.54 -37.93 41.98
CA PRO B 148 3.58 -38.72 42.83
C PRO B 148 4.03 -40.07 43.42
N TRP B 149 5.06 -40.64 42.78
CA TRP B 149 5.58 -41.92 43.23
C TRP B 149 6.93 -41.81 43.93
N GLU B 150 7.68 -40.75 43.65
CA GLU B 150 8.99 -40.59 44.26
C GLU B 150 9.38 -39.13 44.45
N GLY B 151 9.22 -38.62 45.67
CA GLY B 151 9.57 -37.24 45.94
C GLY B 151 9.53 -36.88 47.42
N ALA B 152 10.03 -35.69 47.76
CA ALA B 152 10.06 -35.23 49.15
C ALA B 152 8.88 -34.33 49.54
N ASN B 153 8.86 -33.90 50.81
CA ASN B 153 7.79 -33.06 51.37
C ASN B 153 8.39 -31.89 52.15
N PHE B 154 8.35 -30.70 51.56
CA PHE B 154 8.88 -29.51 52.22
C PHE B 154 8.22 -29.23 53.58
N VAL B 155 9.04 -29.09 54.61
CA VAL B 155 8.55 -28.83 55.94
C VAL B 155 8.71 -27.34 56.21
N LEU B 156 7.79 -26.55 55.67
CA LEU B 156 7.82 -25.10 55.82
C LEU B 156 7.99 -24.64 57.27
N LYS B 157 9.16 -24.07 57.56
CA LYS B 157 9.49 -23.58 58.91
C LYS B 157 9.83 -22.10 58.90
N VAL B 158 8.98 -21.29 59.50
CA VAL B 158 9.18 -19.84 59.52
C VAL B 158 9.72 -19.33 60.84
N LYS B 159 10.71 -18.45 60.76
CA LYS B 159 11.32 -17.85 61.95
C LYS B 159 11.53 -16.34 61.88
N GLN B 160 10.63 -15.63 62.57
CA GLN B 160 10.64 -14.18 62.66
C GLN B 160 10.86 -13.73 64.11
N VAL B 161 12.16 -13.66 64.48
CA VAL B 161 12.55 -13.26 65.84
C VAL B 161 13.70 -12.27 65.79
N SER B 162 13.40 -11.02 66.14
CA SER B 162 14.37 -9.91 66.18
C SER B 162 15.22 -9.80 64.89
N GLY B 163 14.98 -10.74 63.93
CA GLY B 163 15.72 -10.79 62.65
C GLY B 163 15.04 -9.95 61.57
N PHE B 164 14.30 -10.60 60.67
CA PHE B 164 13.61 -9.90 59.59
C PHE B 164 12.80 -10.86 58.74
N SER B 165 11.49 -10.66 58.74
CA SER B 165 10.58 -11.49 57.94
C SER B 165 10.71 -13.00 58.15
N ASN B 166 10.04 -13.74 57.26
CA ASN B 166 10.00 -15.20 57.25
C ASN B 166 11.42 -15.80 57.30
N TYR B 167 11.49 -17.10 57.54
CA TYR B 167 12.77 -17.82 57.62
C TYR B 167 12.82 -18.90 56.53
N ASP B 168 13.84 -19.75 56.55
CA ASP B 168 13.99 -20.81 55.55
C ASP B 168 14.60 -22.11 56.08
N GLU B 169 13.94 -22.70 57.08
CA GLU B 169 14.40 -23.93 57.69
C GLU B 169 13.76 -25.11 56.97
N SER B 170 12.89 -24.75 56.04
CA SER B 170 12.19 -25.73 55.27
C SER B 170 13.09 -26.37 54.23
N LYS B 171 13.22 -27.66 54.24
CA LYS B 171 13.93 -28.34 53.19
C LYS B 171 13.20 -29.65 53.20
N PHE B 172 12.78 -30.12 52.04
CA PHE B 172 12.00 -31.35 52.06
C PHE B 172 12.70 -32.53 52.78
N LEU B 173 11.95 -33.60 53.03
CA LEU B 173 12.44 -34.70 53.86
C LEU B 173 13.41 -35.71 53.23
N ASN B 174 12.83 -36.81 52.76
CA ASN B 174 13.57 -37.88 52.12
C ASN B 174 12.71 -38.47 51.01
N GLN B 175 13.37 -39.01 49.99
CA GLN B 175 12.65 -39.61 48.86
C GLN B 175 11.60 -40.60 49.33
N SER B 176 10.32 -40.26 49.16
CA SER B 176 9.23 -41.14 49.57
C SER B 176 7.98 -40.95 48.70
N ALA B 177 7.28 -42.05 48.46
CA ALA B 177 6.07 -42.05 47.65
C ALA B 177 4.94 -41.23 48.28
N ILE B 178 3.78 -41.23 47.61
CA ILE B 178 2.60 -40.51 48.10
C ILE B 178 1.54 -41.50 48.56
N PRO B 179 1.03 -41.32 49.78
CA PRO B 179 0.00 -42.17 50.37
C PRO B 179 -1.20 -42.39 49.47
N ASN B 180 -1.50 -43.65 49.18
CA ASN B 180 -2.63 -44.01 48.34
C ASN B 180 -2.56 -43.36 46.96
N ILE B 181 -1.79 -43.98 46.06
CA ILE B 181 -1.62 -43.48 44.69
C ILE B 181 -2.10 -44.52 43.69
N ASP B 182 -1.54 -45.72 43.81
CA ASP B 182 -1.86 -46.84 42.93
C ASP B 182 -3.35 -47.07 42.74
N ASP B 183 -4.16 -46.29 43.46
CA ASP B 183 -5.61 -46.42 43.36
C ASP B 183 -6.17 -45.50 42.27
N GLU B 184 -6.96 -46.09 41.36
CA GLU B 184 -7.58 -45.35 40.27
C GLU B 184 -8.40 -44.19 40.82
N SER B 185 -9.16 -44.45 41.87
CA SER B 185 -9.97 -43.41 42.47
C SER B 185 -9.14 -42.17 42.79
N PHE B 186 -8.33 -42.25 43.84
CA PHE B 186 -7.49 -41.12 44.25
C PHE B 186 -6.54 -40.73 43.12
N GLN B 187 -6.58 -41.44 42.01
CA GLN B 187 -5.72 -41.14 40.88
C GLN B 187 -6.18 -39.88 40.14
N LYS B 188 -7.31 -39.97 39.45
CA LYS B 188 -7.87 -38.85 38.70
C LYS B 188 -8.52 -37.83 39.63
N GLU B 189 -9.14 -38.34 40.69
CA GLU B 189 -9.79 -37.50 41.67
C GLU B 189 -8.74 -36.68 42.44
N LEU B 190 -7.51 -36.71 41.93
CA LEU B 190 -6.40 -35.98 42.54
C LEU B 190 -5.95 -34.89 41.59
N PHE B 191 -5.64 -35.29 40.36
CA PHE B 191 -5.20 -34.35 39.34
C PHE B 191 -6.30 -33.33 39.07
N GLU B 192 -7.54 -33.74 39.33
CA GLU B 192 -8.70 -32.88 39.12
C GLU B 192 -8.57 -31.57 39.92
N GLN B 193 -8.53 -31.70 41.25
CA GLN B 193 -8.42 -30.56 42.15
C GLN B 193 -7.21 -29.66 41.81
N MET B 194 -6.40 -30.10 40.86
CA MET B 194 -5.23 -29.34 40.46
C MET B 194 -5.57 -28.26 39.46
N VAL B 195 -5.25 -27.02 39.82
CA VAL B 195 -5.50 -25.93 38.89
C VAL B 195 -4.33 -25.93 37.88
N ASP B 196 -4.35 -26.90 36.93
CA ASP B 196 -3.24 -27.07 35.95
C ASP B 196 -3.02 -25.79 35.11
N LEU B 197 -1.93 -25.15 35.62
CA LEU B 197 -1.13 -23.89 35.42
C LEU B 197 -1.27 -22.92 34.24
N SER B 198 -1.28 -23.36 32.99
CA SER B 198 -1.27 -22.47 31.78
C SER B 198 -2.20 -21.26 31.77
N GLU B 199 -3.20 -21.24 32.60
CA GLU B 199 -4.09 -20.07 32.66
C GLU B 199 -3.37 -18.92 33.32
N MET B 200 -2.28 -19.26 34.01
CA MET B 200 -1.45 -18.30 34.72
C MET B 200 -0.66 -17.48 33.72
N THR B 201 -0.17 -18.15 32.69
CA THR B 201 0.63 -17.48 31.67
C THR B 201 -0.16 -17.31 30.38
N SER B 202 -1.12 -16.38 30.37
CA SER B 202 -1.90 -16.19 29.17
C SER B 202 -2.67 -14.87 29.11
N LYS B 203 -3.22 -14.60 27.92
CA LYS B 203 -3.97 -13.39 27.64
C LYS B 203 -5.32 -13.37 28.34
N ASP B 204 -5.57 -14.34 29.22
CA ASP B 204 -6.85 -14.40 29.94
C ASP B 204 -7.06 -13.19 30.83
N LYS B 205 -6.05 -12.85 31.64
CA LYS B 205 -6.14 -11.71 32.53
C LYS B 205 -5.24 -10.57 32.04
N PHE B 206 -5.86 -9.44 31.69
CA PHE B 206 -5.15 -8.26 31.20
C PHE B 206 -5.98 -7.02 31.53
N LYS B 207 -5.57 -5.92 30.96
CA LYS B 207 -6.14 -4.60 31.13
C LYS B 207 -4.95 -3.63 30.82
N SER B 208 -5.28 -2.63 30.03
CA SER B 208 -4.50 -1.54 29.40
C SER B 208 -3.41 -0.73 30.17
N PHE B 209 -3.03 0.37 29.49
CA PHE B 209 -2.07 1.35 29.98
C PHE B 209 -2.80 2.48 30.71
N GLU B 210 -4.13 2.52 30.54
CA GLU B 210 -4.97 3.53 31.18
C GLU B 210 -4.90 3.34 32.68
N GLU B 211 -5.01 2.10 33.12
CA GLU B 211 -4.96 1.79 34.54
C GLU B 211 -3.63 2.21 35.15
N LEU B 212 -2.55 2.14 34.39
CA LEU B 212 -1.23 2.51 34.89
C LEU B 212 -1.01 4.00 35.14
N ASN B 213 -1.45 4.82 34.20
CA ASN B 213 -1.27 6.26 34.34
C ASN B 213 -2.33 7.00 35.12
N THR B 214 -3.38 6.30 35.55
CA THR B 214 -4.41 6.92 36.37
C THR B 214 -3.82 6.76 37.77
N LYS B 215 -3.11 5.64 37.94
CA LYS B 215 -2.42 5.26 39.15
C LYS B 215 -1.15 6.07 39.34
N PHE B 216 -0.44 6.25 38.23
CA PHE B 216 0.80 6.99 38.24
C PHE B 216 0.50 8.45 38.43
N ASN B 217 -0.38 8.94 37.60
CA ASN B 217 -0.74 10.32 37.78
C ASN B 217 -0.94 10.64 39.28
N GLN B 218 -0.42 11.84 39.60
CA GLN B 218 -0.48 12.56 40.91
C GLN B 218 0.71 12.38 41.86
N VAL B 219 1.82 11.86 41.36
CA VAL B 219 3.01 11.70 42.18
C VAL B 219 3.82 12.99 42.09
N LEU B 220 3.89 13.56 40.89
CA LEU B 220 4.63 14.79 40.65
C LEU B 220 3.75 15.97 41.06
N GLY B 221 2.44 15.73 41.09
CA GLY B 221 1.50 16.78 41.43
C GLY B 221 1.21 17.48 40.12
N THR B 222 1.90 17.00 39.08
CA THR B 222 1.79 17.52 37.72
C THR B 222 2.32 18.95 37.61
PB GDP C . 10.58 -17.71 16.81
O1B GDP C . 11.27 -16.58 17.46
O2B GDP C . 11.05 -19.25 17.00
O3B GDP C . 9.63 -17.41 15.53
O3A GDP C . 11.86 -17.71 15.71
PA GDP C . 12.14 -16.28 14.91
O1A GDP C . 10.94 -15.91 14.11
O2A GDP C . 12.47 -15.08 15.96
O5' GDP C . 13.41 -16.45 13.89
C5' GDP C . 13.57 -15.17 13.28
C4' GDP C . 14.71 -15.12 12.26
O4' GDP C . 14.44 -16.04 11.17
C3' GDP C . 14.81 -13.71 11.66
O3' GDP C . 15.90 -12.97 12.21
C2' GDP C . 14.91 -13.89 10.13
O2' GDP C . 16.10 -13.27 9.59
C1' GDP C . 14.90 -15.43 9.92
N9 GDP C . 14.02 -15.80 8.78
C8 GDP C . 14.33 -15.69 7.45
N7 GDP C . 13.33 -16.11 6.71
C5 GDP C . 12.33 -16.53 7.53
C6 GDP C . 11.03 -17.10 7.31
O6 GDP C . 10.61 -17.28 6.18
N1 GDP C . 10.25 -17.42 8.40
C2 GDP C . 10.73 -17.21 9.68
N2 GDP C . 9.93 -17.55 10.76
N3 GDP C . 11.94 -16.69 9.89
C4 GDP C . 12.76 -16.35 8.86
ZN ZN D . 6.87 -4.88 33.56
#